data_5C0R
#
_entry.id   5C0R
#
_cell.length_a   112.038
_cell.length_b   112.038
_cell.length_c   205.125
_cell.angle_alpha   90.00
_cell.angle_beta   90.00
_cell.angle_gamma   120.00
#
_symmetry.space_group_name_H-M   'H 3'
#
loop_
_entity.id
_entity.type
_entity.pdbx_description
1 polymer 'Hemagglutinin, Envelope glycoprotein, Fibritin fusion protein'
2 polymer 'C179 Fab light chain'
3 polymer 'C179 Fab heavy chain'
4 branched 2-acetamido-2-deoxy-beta-D-glucopyranose-(1-4)-2-acetamido-2-deoxy-beta-D-glucopyranose
5 non-polymer 2-acetamido-2-deoxy-beta-D-glucopyranose
6 water water
#
loop_
_entity_poly.entity_id
_entity_poly.type
_entity_poly.pdbx_seq_one_letter_code
_entity_poly.pdbx_strand_id
1 'polypeptide(L)'
;DTICIGYHANNSTDTVDTVLEKNVTVTHSVNLGWGLRMVTGLRNIPQRETRGLFGAIAGFIEGGWTGMVDGWYGYHHQNE
QGSGYAADQKSTQNAINGITNKVNSVIEKMGGWMEWDREINNYTSIIYSLIEESQNQQENGTGGGSGIVQQQNNLLRAIE
AQQHLLQLTVWGIKQLQTYNAELLVLLENERTLDFHDSNVKNLYEKVKSQLKNNAKEIGNGCFEFYHKCNNECMESVKNG
TYDYPKYSEESKLNREKIDPGSGYIPEAPRDGQAYVRKDGEWVLLSTFLSGRLVPRGSGHHHHHH
;
A
2 'polypeptide(L)'
;DIQMTQSPASQSASLGESVTITCLASQTIGTWLAWYQQKPGKSPQLLIYAATSLADGVPSRFSGSGSGTKFSFKISSLQA
EDFVSYYCQQLYSTPWTFGGGTKLEIKRADAAPTVSIFPPSSEQLTSGGASVVCFLNNFYPKDINVKWKIDGSERQNGVL
NSWTDQDSKDSTYSMSSTLTLTKDEYERHNSYTCEATHKTSTSPIVKSFNRNEC
;
L
3 'polypeptide(L)'
;EVKLVESGGGLVQPGGSLRLSCGTSGFTLTDDYMTWVRQPPGKALEWLGFIRDRANGYTTEYSASVKGRFTISRDNSQSI
VYLQMNTLRVEDSATYYCARPKGYFPYAMDYWGQGTSVIVSSAKTTAPSVYPLAPVCGDTTGSSVTLGCLVKGYFPEPVT
LTWNSGSLSSGVHTFPAVLQSDLYTLSSSVTVTSSTWPSQSITCNVAHPASSTKVDKKIEPRGPTIKPCPPCK
;
H
#
loop_
_chem_comp.id
_chem_comp.type
_chem_comp.name
_chem_comp.formula
NAG D-saccharide, beta linking 2-acetamido-2-deoxy-beta-D-glucopyranose 'C8 H15 N O6'
#
# COMPACT_ATOMS: atom_id res chain seq x y z
N ASP A 1 40.41 -12.22 -0.09
CA ASP A 1 39.04 -11.75 0.21
C ASP A 1 39.06 -10.31 0.70
N THR A 2 38.13 -9.49 0.21
CA THR A 2 38.12 -8.07 0.54
C THR A 2 36.75 -7.41 0.37
N ILE A 3 36.40 -6.56 1.35
CA ILE A 3 35.16 -5.80 1.33
C ILE A 3 35.44 -4.33 1.05
N CYS A 4 34.58 -3.71 0.25
CA CYS A 4 34.74 -2.30 -0.12
C CYS A 4 33.47 -1.51 0.17
N ILE A 5 33.64 -0.24 0.54
CA ILE A 5 32.51 0.68 0.66
C ILE A 5 32.56 1.64 -0.54
N GLY A 6 31.40 1.88 -1.14
CA GLY A 6 31.32 2.71 -2.33
C GLY A 6 29.98 3.40 -2.47
N TYR A 7 29.72 3.93 -3.66
CA TYR A 7 28.46 4.62 -3.93
C TYR A 7 28.11 4.63 -5.41
N HIS A 8 26.97 5.23 -5.72
CA HIS A 8 26.37 5.14 -7.04
C HIS A 8 26.94 6.13 -8.06
N ALA A 9 26.98 5.71 -9.31
CA ALA A 9 27.29 6.57 -10.45
C ALA A 9 26.52 6.08 -11.66
N ASN A 10 26.35 6.92 -12.67
CA ASN A 10 25.65 6.51 -13.88
C ASN A 10 25.86 7.47 -15.05
N ASN A 11 25.12 7.25 -16.14
CA ASN A 11 25.27 8.04 -17.36
C ASN A 11 24.54 9.38 -17.32
N SER A 12 24.16 9.84 -16.13
CA SER A 12 23.46 11.11 -15.99
C SER A 12 24.33 12.29 -16.40
N THR A 13 23.69 13.34 -16.90
CA THR A 13 24.38 14.55 -17.35
C THR A 13 23.71 15.81 -16.80
N ASP A 14 22.94 15.65 -15.73
CA ASP A 14 22.33 16.78 -15.03
C ASP A 14 23.39 17.52 -14.21
N THR A 15 23.29 18.85 -14.20
CA THR A 15 24.25 19.68 -13.47
C THR A 15 23.57 20.66 -12.53
N VAL A 16 24.03 20.69 -11.28
CA VAL A 16 23.57 21.65 -10.29
C VAL A 16 24.66 22.66 -9.97
N ASP A 17 24.27 23.81 -9.44
CA ASP A 17 25.20 24.79 -8.94
C ASP A 17 25.15 24.82 -7.41
N THR A 18 26.31 24.76 -6.79
CA THR A 18 26.44 25.15 -5.39
C THR A 18 26.99 26.56 -5.41
N VAL A 19 27.07 27.20 -4.26
CA VAL A 19 27.56 28.57 -4.20
C VAL A 19 29.02 28.65 -4.68
N LEU A 20 29.88 27.78 -4.16
CA LEU A 20 31.30 27.81 -4.52
C LEU A 20 31.60 27.08 -5.82
N GLU A 21 30.71 26.18 -6.24
CA GLU A 21 30.97 25.30 -7.38
C GLU A 21 29.81 25.29 -8.36
N LYS A 22 30.13 25.39 -9.65
CA LYS A 22 29.12 25.49 -10.71
C LYS A 22 29.22 24.31 -11.68
N ASN A 23 28.11 24.02 -12.36
CA ASN A 23 28.02 22.91 -13.32
C ASN A 23 28.54 21.59 -12.75
N VAL A 24 27.98 21.18 -11.61
CA VAL A 24 28.39 19.95 -10.94
C VAL A 24 27.52 18.77 -11.38
N THR A 25 28.14 17.80 -12.01
CA THR A 25 27.41 16.65 -12.55
C THR A 25 26.98 15.70 -11.43
N VAL A 26 25.66 15.60 -11.22
CA VAL A 26 25.09 14.75 -10.18
C VAL A 26 24.24 13.64 -10.78
N THR A 27 24.04 12.55 -10.04
CA THR A 27 23.34 11.37 -10.56
C THR A 27 21.82 11.53 -10.58
N HIS A 28 21.30 12.29 -9.61
CA HIS A 28 19.85 12.53 -9.53
C HIS A 28 19.59 13.96 -9.09
N SER A 29 18.68 14.62 -9.79
CA SER A 29 18.32 16.00 -9.48
C SER A 29 16.82 16.22 -9.61
N VAL A 30 16.40 17.47 -9.64
CA VAL A 30 14.99 17.81 -9.75
C VAL A 30 14.84 19.27 -10.17
N ASN A 31 14.16 19.48 -11.30
CA ASN A 31 13.96 20.81 -11.85
C ASN A 31 12.73 21.48 -11.24
N LEU A 32 12.93 22.65 -10.63
CA LEU A 32 11.87 23.31 -9.87
C LEU A 32 11.01 24.23 -10.76
N GLY A 33 11.56 24.65 -11.89
CA GLY A 33 10.81 25.46 -12.85
C GLY A 33 11.49 26.72 -13.33
N TRP A 34 12.04 27.50 -12.40
CA TRP A 34 12.59 28.82 -12.72
C TRP A 34 14.11 28.81 -12.82
N GLY A 35 14.65 27.78 -13.46
CA GLY A 35 16.09 27.64 -13.61
C GLY A 35 16.71 27.05 -12.34
N LEU A 36 15.86 26.76 -11.37
CA LEU A 36 16.29 26.19 -10.10
C LEU A 36 16.34 24.67 -10.23
N ARG A 37 17.53 24.10 -10.02
CA ARG A 37 17.70 22.65 -10.08
C ARG A 37 18.40 22.15 -8.83
N MET A 38 17.70 21.33 -8.06
CA MET A 38 18.21 20.81 -6.80
C MET A 38 18.80 19.42 -6.98
N VAL A 39 19.99 19.20 -6.41
CA VAL A 39 20.58 17.87 -6.42
C VAL A 39 19.79 16.98 -5.47
N THR A 40 19.61 15.72 -5.88
CA THR A 40 18.98 14.72 -5.04
C THR A 40 19.96 13.58 -4.85
N GLY A 41 20.56 13.14 -5.95
CA GLY A 41 21.57 12.12 -5.91
C GLY A 41 22.88 12.70 -5.40
N LEU A 42 23.98 12.25 -6.00
CA LEU A 42 25.31 12.63 -5.53
C LEU A 42 26.25 12.85 -6.70
N ARG A 43 27.43 13.37 -6.40
CA ARG A 43 28.41 13.71 -7.42
C ARG A 43 28.67 12.51 -8.34
N ASN A 44 28.35 12.68 -9.62
CA ASN A 44 28.51 11.61 -10.59
C ASN A 44 29.96 11.49 -11.05
N ILE A 45 30.66 10.52 -10.48
CA ILE A 45 32.06 10.28 -10.80
C ILE A 45 32.26 8.80 -11.13
N PRO A 46 32.03 8.40 -12.39
CA PRO A 46 32.22 7.00 -12.75
C PRO A 46 33.70 6.66 -12.94
N GLN A 47 34.01 5.36 -13.01
CA GLN A 47 35.38 4.89 -13.08
C GLN A 47 35.76 4.44 -14.49
N ALA A 56 39.86 -4.83 -10.55
CA ALA A 56 40.65 -4.14 -9.53
C ALA A 56 39.75 -3.59 -8.43
N ILE A 57 38.45 -3.56 -8.70
CA ILE A 57 37.40 -3.16 -7.75
C ILE A 57 37.81 -2.09 -6.73
N ALA A 58 37.90 -0.84 -7.18
CA ALA A 58 38.28 0.27 -6.30
C ALA A 58 37.11 0.72 -5.43
N GLY A 59 37.43 1.28 -4.27
CA GLY A 59 36.42 1.73 -3.32
C GLY A 59 35.80 3.07 -3.69
N PHE A 60 35.71 3.97 -2.71
CA PHE A 60 35.01 5.24 -2.88
C PHE A 60 35.93 6.46 -2.90
N ILE A 61 37.23 6.22 -2.85
CA ILE A 61 38.20 7.32 -2.77
C ILE A 61 38.36 8.01 -4.13
N GLU A 62 38.48 7.21 -5.19
CA GLU A 62 38.61 7.77 -6.54
C GLU A 62 37.55 7.22 -7.48
N GLY A 63 36.32 7.08 -6.99
CA GLY A 63 35.24 6.62 -7.86
C GLY A 63 33.88 6.36 -7.23
N GLY A 64 32.87 6.39 -8.09
CA GLY A 64 31.53 5.92 -7.77
C GLY A 64 31.24 4.69 -8.63
N TRP A 65 30.50 3.74 -8.06
CA TRP A 65 30.25 2.47 -8.74
C TRP A 65 29.08 2.53 -9.72
N THR A 66 29.39 2.48 -11.01
CA THR A 66 28.37 2.38 -12.03
C THR A 66 27.69 1.02 -11.93
N GLY A 67 28.44 0.04 -11.42
CA GLY A 67 27.95 -1.32 -11.29
C GLY A 67 26.95 -1.51 -10.16
N MET A 68 26.91 -0.56 -9.23
CA MET A 68 25.97 -0.62 -8.12
C MET A 68 24.70 0.16 -8.45
N VAL A 69 23.67 -0.56 -8.88
CA VAL A 69 22.45 0.06 -9.36
C VAL A 69 21.30 -0.05 -8.35
N ASP A 70 21.56 -0.71 -7.24
CA ASP A 70 20.50 -1.05 -6.30
C ASP A 70 20.20 0.10 -5.32
N GLY A 71 21.14 1.02 -5.17
CA GLY A 71 20.97 2.13 -4.24
C GLY A 71 22.03 3.20 -4.40
N TRP A 72 22.14 4.06 -3.39
CA TRP A 72 23.11 5.16 -3.40
C TRP A 72 24.42 4.77 -2.72
N TYR A 73 24.31 4.16 -1.55
CA TYR A 73 25.47 3.68 -0.82
C TYR A 73 25.44 2.16 -0.76
N GLY A 74 26.60 1.53 -0.67
CA GLY A 74 26.66 0.09 -0.63
C GLY A 74 28.07 -0.47 -0.57
N TYR A 75 28.17 -1.78 -0.74
CA TYR A 75 29.44 -2.48 -0.67
C TYR A 75 29.75 -3.23 -1.95
N HIS A 76 31.01 -3.63 -2.10
CA HIS A 76 31.41 -4.56 -3.14
C HIS A 76 32.39 -5.58 -2.56
N HIS A 77 31.85 -6.71 -2.13
CA HIS A 77 32.66 -7.75 -1.51
C HIS A 77 33.44 -8.55 -2.54
N GLN A 78 34.30 -9.44 -2.05
CA GLN A 78 35.05 -10.36 -2.89
C GLN A 78 35.62 -11.45 -2.01
N ASN A 79 35.48 -12.71 -2.46
CA ASN A 79 35.99 -13.84 -1.68
C ASN A 79 36.05 -15.11 -2.52
N GLU A 80 36.23 -16.25 -1.84
CA GLU A 80 36.29 -17.55 -2.49
C GLU A 80 35.11 -17.79 -3.43
N GLN A 81 33.91 -17.62 -2.89
CA GLN A 81 32.68 -17.90 -3.63
C GLN A 81 32.55 -17.02 -4.87
N GLY A 82 32.59 -15.71 -4.67
CA GLY A 82 32.47 -14.77 -5.77
C GLY A 82 32.48 -13.34 -5.30
N SER A 83 32.05 -12.43 -6.17
CA SER A 83 32.00 -11.01 -5.86
C SER A 83 30.75 -10.36 -6.44
N GLY A 84 30.36 -9.22 -5.89
CA GLY A 84 29.18 -8.52 -6.37
C GLY A 84 28.81 -7.32 -5.53
N TYR A 85 28.12 -6.37 -6.15
CA TYR A 85 27.67 -5.16 -5.46
C TYR A 85 26.44 -5.46 -4.60
N ALA A 86 26.24 -4.62 -3.59
CA ALA A 86 25.10 -4.76 -2.69
C ALA A 86 24.83 -3.43 -2.01
N ALA A 87 23.86 -2.68 -2.52
CA ALA A 87 23.53 -1.38 -1.96
C ALA A 87 22.88 -1.54 -0.59
N ASP A 88 23.24 -0.65 0.34
CA ASP A 88 22.61 -0.64 1.64
C ASP A 88 21.28 0.07 1.53
N GLN A 89 20.19 -0.71 1.64
CA GLN A 89 18.84 -0.21 1.43
C GLN A 89 18.39 0.70 2.57
N LYS A 90 18.80 0.37 3.80
CA LYS A 90 18.51 1.21 4.96
C LYS A 90 19.14 2.59 4.78
N SER A 91 20.42 2.60 4.46
CA SER A 91 21.16 3.84 4.28
C SER A 91 20.56 4.67 3.15
N THR A 92 20.37 4.03 2.00
CA THR A 92 19.92 4.71 0.80
C THR A 92 18.52 5.30 0.95
N GLN A 93 17.62 4.55 1.57
CA GLN A 93 16.24 5.01 1.71
C GLN A 93 16.14 6.06 2.80
N ASN A 94 17.05 6.02 3.77
CA ASN A 94 17.13 7.07 4.78
C ASN A 94 17.54 8.39 4.13
N ALA A 95 18.57 8.31 3.29
CA ALA A 95 19.03 9.48 2.53
C ALA A 95 17.92 9.99 1.63
N ILE A 96 17.23 9.07 0.95
CA ILE A 96 16.15 9.43 0.04
C ILE A 96 15.03 10.14 0.78
N ASN A 97 14.61 9.60 1.91
CA ASN A 97 13.52 10.17 2.69
C ASN A 97 13.86 11.55 3.22
N GLY A 98 15.08 11.69 3.74
CA GLY A 98 15.54 12.97 4.25
C GLY A 98 15.55 14.03 3.16
N ILE A 99 16.13 13.69 2.02
CA ILE A 99 16.24 14.62 0.90
C ILE A 99 14.86 14.97 0.33
N THR A 100 13.97 13.99 0.29
CA THR A 100 12.63 14.21 -0.25
C THR A 100 11.87 15.24 0.57
N ASN A 101 11.94 15.10 1.89
CA ASN A 101 11.25 16.02 2.79
C ASN A 101 11.80 17.43 2.65
N LYS A 102 13.12 17.52 2.45
CA LYS A 102 13.77 18.80 2.19
C LYS A 102 13.24 19.38 0.89
N VAL A 103 13.32 18.61 -0.19
CA VAL A 103 12.88 19.05 -1.51
C VAL A 103 11.43 19.50 -1.47
N ASN A 104 10.61 18.83 -0.68
CA ASN A 104 9.19 19.13 -0.60
C ASN A 104 8.92 20.46 0.09
N SER A 105 9.63 20.71 1.19
CA SER A 105 9.51 21.97 1.91
C SER A 105 9.81 23.16 1.01
N VAL A 106 10.66 22.95 0.01
CA VAL A 106 10.97 23.98 -0.97
C VAL A 106 9.78 24.19 -1.90
N ILE A 107 9.24 23.09 -2.40
CA ILE A 107 8.04 23.12 -3.24
C ILE A 107 6.92 23.85 -2.51
N GLU A 108 6.83 23.63 -1.21
CA GLU A 108 5.82 24.27 -0.38
C GLU A 108 5.99 25.79 -0.38
N LYS A 109 7.22 26.23 -0.15
CA LYS A 109 7.52 27.67 -0.14
C LYS A 109 7.19 28.30 -1.48
N MET A 110 7.61 27.64 -2.55
CA MET A 110 7.34 28.12 -3.90
C MET A 110 5.83 28.23 -4.15
N GLY A 111 5.07 27.35 -3.51
CA GLY A 111 3.63 27.33 -3.66
C GLY A 111 2.99 28.63 -3.20
N GLY A 112 3.32 29.04 -1.98
CA GLY A 112 2.79 30.27 -1.42
C GLY A 112 3.15 31.48 -2.28
N TRP A 113 4.38 31.49 -2.78
CA TRP A 113 4.83 32.56 -3.65
C TRP A 113 4.10 32.55 -4.99
N MET A 114 3.74 31.35 -5.46
CA MET A 114 2.95 31.23 -6.67
C MET A 114 1.52 31.71 -6.41
N GLU A 115 0.97 31.26 -5.29
CA GLU A 115 -0.35 31.73 -4.87
C GLU A 115 -0.31 33.23 -4.63
N TRP A 116 0.83 33.72 -4.15
CA TRP A 116 1.02 35.15 -3.94
C TRP A 116 1.04 35.89 -5.26
N ASP A 117 1.83 35.38 -6.21
CA ASP A 117 1.91 35.96 -7.55
C ASP A 117 0.53 35.92 -8.22
N ARG A 118 -0.27 34.93 -7.83
CA ARG A 118 -1.61 34.75 -8.38
C ARG A 118 -2.56 35.83 -7.88
N GLU A 119 -2.62 36.00 -6.57
CA GLU A 119 -3.52 36.95 -5.94
C GLU A 119 -3.20 38.38 -6.32
N ILE A 120 -1.92 38.68 -6.47
CA ILE A 120 -1.48 40.04 -6.78
C ILE A 120 -1.92 40.42 -8.20
N ASN A 121 -1.84 39.46 -9.12
CA ASN A 121 -2.31 39.69 -10.47
C ASN A 121 -3.81 39.91 -10.50
N ASN A 122 -4.52 39.19 -9.64
CA ASN A 122 -5.97 39.31 -9.53
C ASN A 122 -6.39 40.71 -9.09
N TYR A 123 -5.81 41.17 -7.99
CA TYR A 123 -6.16 42.48 -7.44
C TYR A 123 -5.63 43.62 -8.32
N THR A 124 -4.51 43.37 -9.00
CA THR A 124 -3.95 44.36 -9.90
C THR A 124 -4.91 44.63 -11.05
N SER A 125 -5.50 43.57 -11.60
CA SER A 125 -6.43 43.71 -12.72
C SER A 125 -7.77 44.30 -12.25
N ILE A 126 -8.08 44.14 -10.97
CA ILE A 126 -9.28 44.70 -10.39
C ILE A 126 -9.17 46.22 -10.27
N ILE A 127 -8.00 46.68 -9.85
CA ILE A 127 -7.77 48.11 -9.64
C ILE A 127 -7.82 48.88 -10.95
N TYR A 128 -7.15 48.36 -11.97
CA TYR A 128 -7.12 49.03 -13.26
C TYR A 128 -8.51 49.13 -13.87
N SER A 129 -9.29 48.06 -13.73
CA SER A 129 -10.68 48.08 -14.21
C SER A 129 -11.50 49.07 -13.38
N LEU A 130 -11.06 49.31 -12.15
CA LEU A 130 -11.71 50.29 -11.28
C LEU A 130 -11.24 51.70 -11.61
N ILE A 131 -9.95 51.84 -11.93
CA ILE A 131 -9.41 53.13 -12.34
C ILE A 131 -10.05 53.55 -13.66
N GLU A 132 -10.26 52.58 -14.55
CA GLU A 132 -10.84 52.87 -15.86
C GLU A 132 -12.24 53.45 -15.74
N GLU A 133 -13.09 52.80 -14.94
CA GLU A 133 -14.45 53.26 -14.72
C GLU A 133 -14.47 54.66 -14.12
N SER A 134 -13.48 54.94 -13.27
CA SER A 134 -13.36 56.25 -12.64
C SER A 134 -12.99 57.31 -13.66
N GLN A 135 -12.16 56.93 -14.63
CA GLN A 135 -11.72 57.85 -15.68
C GLN A 135 -12.84 58.08 -16.70
N ASN A 136 -13.77 57.14 -16.77
CA ASN A 136 -14.89 57.23 -17.71
C ASN A 136 -16.08 57.94 -17.08
N GLN A 137 -16.25 57.78 -15.78
CA GLN A 137 -17.29 58.48 -15.04
C GLN A 137 -16.85 59.92 -14.76
N GLN A 138 -15.58 60.20 -15.01
CA GLN A 138 -15.06 61.56 -15.01
C GLN A 138 -15.23 62.17 -16.41
N GLU A 139 -16.13 61.61 -17.19
CA GLU A 139 -16.48 62.14 -18.51
C GLU A 139 -17.96 61.95 -18.77
N ASN A 140 -18.39 60.69 -18.88
CA ASN A 140 -19.79 60.37 -19.11
C ASN A 140 -20.68 60.86 -17.97
N GLY A 141 -20.38 60.42 -16.75
CA GLY A 141 -21.14 60.81 -15.59
C GLY A 141 -20.50 61.99 -14.86
N ILE A 148 -16.13 71.19 -6.41
CA ILE A 148 -16.20 69.89 -5.76
C ILE A 148 -15.89 68.79 -6.77
N VAL A 149 -16.24 69.03 -8.02
CA VAL A 149 -15.96 68.08 -9.10
C VAL A 149 -14.45 67.92 -9.26
N GLN A 150 -13.74 69.03 -9.11
CA GLN A 150 -12.29 69.06 -9.30
C GLN A 150 -11.57 68.40 -8.14
N GLN A 151 -12.28 68.17 -7.04
CA GLN A 151 -11.70 67.54 -5.86
C GLN A 151 -11.69 66.01 -6.03
N GLN A 152 -12.58 65.51 -6.88
CA GLN A 152 -12.66 64.08 -7.15
C GLN A 152 -11.63 63.67 -8.19
N ASN A 153 -11.18 64.63 -8.98
CA ASN A 153 -10.20 64.36 -10.02
C ASN A 153 -8.81 64.07 -9.45
N ASN A 154 -8.25 65.04 -8.74
CA ASN A 154 -6.92 64.87 -8.16
C ASN A 154 -6.90 63.80 -7.08
N LEU A 155 -8.09 63.39 -6.64
CA LEU A 155 -8.22 62.28 -5.70
C LEU A 155 -8.07 60.96 -6.45
N LEU A 156 -8.55 60.94 -7.68
CA LEU A 156 -8.38 59.79 -8.57
C LEU A 156 -6.92 59.68 -9.02
N ARG A 157 -6.35 60.80 -9.45
CA ARG A 157 -4.95 60.82 -9.91
C ARG A 157 -3.99 60.53 -8.77
N ALA A 158 -4.48 60.57 -7.54
CA ALA A 158 -3.68 60.20 -6.37
C ALA A 158 -3.69 58.69 -6.17
N ILE A 159 -4.80 58.06 -6.53
CA ILE A 159 -4.90 56.61 -6.47
C ILE A 159 -4.05 55.99 -7.56
N GLU A 160 -3.98 56.66 -8.71
CA GLU A 160 -3.17 56.20 -9.83
C GLU A 160 -1.69 56.23 -9.48
N ALA A 161 -1.24 57.36 -8.95
CA ALA A 161 0.16 57.53 -8.56
C ALA A 161 0.55 56.49 -7.51
N GLN A 162 -0.39 56.19 -6.61
CA GLN A 162 -0.16 55.18 -5.59
C GLN A 162 -0.05 53.79 -6.21
N GLN A 163 -0.73 53.57 -7.33
CA GLN A 163 -0.69 52.28 -8.00
C GLN A 163 0.68 51.99 -8.60
N HIS A 164 1.24 52.97 -9.31
CA HIS A 164 2.54 52.79 -9.93
C HIS A 164 3.61 52.61 -8.86
N LEU A 165 3.42 53.28 -7.73
CA LEU A 165 4.28 53.08 -6.58
C LEU A 165 4.07 51.67 -6.02
N LEU A 166 2.88 51.13 -6.23
CA LEU A 166 2.56 49.77 -5.83
C LEU A 166 3.27 48.76 -6.73
N GLN A 167 3.33 49.06 -8.03
CA GLN A 167 3.97 48.17 -8.99
C GLN A 167 5.47 48.13 -8.78
N LEU A 168 6.06 49.30 -8.55
CA LEU A 168 7.47 49.40 -8.20
C LEU A 168 7.76 48.58 -6.94
N THR A 169 6.79 48.53 -6.05
CA THR A 169 6.91 47.76 -4.81
C THR A 169 6.88 46.26 -5.11
N VAL A 170 5.91 45.83 -5.91
CA VAL A 170 5.81 44.41 -6.27
C VAL A 170 7.03 43.96 -7.06
N TRP A 171 7.56 44.87 -7.90
CA TRP A 171 8.77 44.57 -8.66
C TRP A 171 9.92 44.25 -7.73
N GLY A 172 10.18 45.14 -6.78
CA GLY A 172 11.27 44.98 -5.84
C GLY A 172 11.18 43.70 -5.04
N ILE A 173 9.97 43.35 -4.59
CA ILE A 173 9.78 42.14 -3.82
C ILE A 173 10.08 40.92 -4.69
N LYS A 174 9.60 40.95 -5.92
CA LYS A 174 9.83 39.86 -6.87
C LYS A 174 11.32 39.65 -7.13
N GLN A 175 12.06 40.73 -7.33
CA GLN A 175 13.49 40.65 -7.57
C GLN A 175 14.22 40.01 -6.40
N LEU A 176 13.72 40.28 -5.19
CA LEU A 176 14.37 39.80 -3.98
C LEU A 176 14.07 38.33 -3.75
N GLN A 177 12.81 37.94 -3.95
CA GLN A 177 12.40 36.56 -3.74
C GLN A 177 13.14 35.65 -4.71
N THR A 178 13.47 36.18 -5.89
CA THR A 178 14.18 35.42 -6.91
C THR A 178 15.60 35.11 -6.45
N TYR A 179 16.28 36.11 -5.91
CA TYR A 179 17.66 35.94 -5.47
C TYR A 179 17.73 35.00 -4.27
N ASN A 180 16.73 35.10 -3.40
CA ASN A 180 16.68 34.26 -2.20
C ASN A 180 16.30 32.83 -2.56
N ALA A 181 15.53 32.68 -3.62
CA ALA A 181 15.15 31.36 -4.11
C ALA A 181 16.36 30.63 -4.69
N GLU A 182 17.15 31.35 -5.48
CA GLU A 182 18.36 30.79 -6.07
C GLU A 182 19.37 30.41 -4.99
N LEU A 183 19.68 31.37 -4.12
CA LEU A 183 20.66 31.15 -3.06
C LEU A 183 20.25 30.01 -2.14
N LEU A 184 18.94 29.87 -1.94
CA LEU A 184 18.39 28.77 -1.15
C LEU A 184 18.73 27.42 -1.78
N VAL A 185 18.67 27.34 -3.10
CA VAL A 185 18.98 26.12 -3.83
C VAL A 185 20.48 25.88 -3.86
N LEU A 186 21.25 26.94 -4.07
CA LEU A 186 22.71 26.85 -4.09
C LEU A 186 23.22 26.36 -2.73
N LEU A 187 22.52 26.77 -1.67
CA LEU A 187 22.90 26.38 -0.32
C LEU A 187 22.41 24.98 0.01
N GLU A 188 21.19 24.64 -0.39
CA GLU A 188 20.66 23.32 -0.12
C GLU A 188 21.33 22.25 -0.97
N ASN A 189 21.92 22.65 -2.09
CA ASN A 189 22.65 21.71 -2.93
C ASN A 189 23.98 21.34 -2.30
N GLU A 190 24.55 22.24 -1.50
CA GLU A 190 25.79 21.96 -0.80
C GLU A 190 25.50 21.08 0.42
N ARG A 191 24.41 21.40 1.12
CA ARG A 191 24.01 20.64 2.29
C ARG A 191 23.70 19.19 1.92
N THR A 192 23.20 19.01 0.71
CA THR A 192 22.86 17.68 0.20
C THR A 192 24.11 16.89 -0.17
N LEU A 193 24.97 17.49 -0.98
CA LEU A 193 26.20 16.83 -1.41
C LEU A 193 27.07 16.48 -0.21
N ASP A 194 27.05 17.33 0.81
CA ASP A 194 27.81 17.09 2.02
C ASP A 194 27.16 15.97 2.82
N PHE A 195 25.83 15.99 2.88
CA PHE A 195 25.05 14.94 3.53
C PHE A 195 25.39 13.57 2.95
N HIS A 196 25.58 13.51 1.63
CA HIS A 196 25.98 12.28 0.98
C HIS A 196 27.38 11.84 1.43
N ASP A 197 28.35 12.74 1.33
CA ASP A 197 29.72 12.42 1.72
C ASP A 197 29.79 11.99 3.17
N SER A 198 28.83 12.47 3.97
CA SER A 198 28.75 12.07 5.37
C SER A 198 28.33 10.61 5.48
N ASN A 199 27.14 10.30 4.96
CA ASN A 199 26.60 8.95 5.00
C ASN A 199 27.59 7.88 4.52
N VAL A 200 28.35 8.20 3.48
CA VAL A 200 29.30 7.25 2.93
C VAL A 200 30.42 6.96 3.92
N LYS A 201 30.95 8.00 4.57
CA LYS A 201 32.00 7.82 5.56
C LYS A 201 31.48 7.05 6.76
N ASN A 202 30.23 7.28 7.12
CA ASN A 202 29.62 6.60 8.26
C ASN A 202 29.58 5.09 8.04
N LEU A 203 29.29 4.67 6.81
CA LEU A 203 29.27 3.25 6.48
C LEU A 203 30.66 2.65 6.51
N TYR A 204 31.68 3.49 6.33
CA TYR A 204 33.07 3.03 6.32
C TYR A 204 33.59 2.85 7.73
N GLU A 205 33.34 3.86 8.57
CA GLU A 205 33.76 3.81 9.97
C GLU A 205 33.08 2.66 10.69
N LYS A 206 31.84 2.37 10.30
CA LYS A 206 31.07 1.31 10.94
C LYS A 206 31.71 -0.05 10.67
N VAL A 207 32.09 -0.29 9.42
CA VAL A 207 32.81 -1.50 9.05
C VAL A 207 34.19 -1.51 9.70
N LYS A 208 34.87 -0.37 9.65
CA LYS A 208 36.20 -0.24 10.24
C LYS A 208 36.17 -0.60 11.72
N SER A 209 35.09 -0.24 12.40
CA SER A 209 34.94 -0.55 13.82
C SER A 209 34.86 -2.05 14.07
N GLN A 210 33.98 -2.71 13.33
CA GLN A 210 33.77 -4.15 13.50
C GLN A 210 35.03 -4.96 13.21
N LEU A 211 35.61 -4.74 12.03
CA LEU A 211 36.76 -5.52 11.57
C LEU A 211 37.97 -5.36 12.48
N LYS A 212 38.22 -4.13 12.92
CA LYS A 212 39.39 -3.83 13.75
C LYS A 212 40.67 -4.27 13.04
N ASN A 213 41.54 -5.01 13.74
CA ASN A 213 42.82 -5.42 13.17
C ASN A 213 42.75 -6.72 12.37
N ASN A 214 41.56 -7.31 12.28
CA ASN A 214 41.38 -8.53 11.50
C ASN A 214 41.43 -8.25 10.00
N ALA A 215 41.42 -6.98 9.64
CA ALA A 215 41.45 -6.57 8.22
C ALA A 215 42.39 -5.40 8.02
N LYS A 216 43.06 -5.38 6.87
CA LYS A 216 43.95 -4.30 6.50
C LYS A 216 43.23 -3.19 5.75
N GLU A 217 43.37 -1.96 6.22
CA GLU A 217 42.89 -0.80 5.48
C GLU A 217 43.77 -0.59 4.26
N ILE A 218 43.19 -0.75 3.07
CA ILE A 218 43.91 -0.54 1.83
C ILE A 218 44.10 0.96 1.58
N GLY A 219 43.19 1.76 2.12
CA GLY A 219 43.27 3.20 1.99
C GLY A 219 42.48 3.73 0.81
N ASN A 220 42.04 2.83 -0.06
CA ASN A 220 41.25 3.21 -1.24
C ASN A 220 39.76 3.02 -1.00
N GLY A 221 39.38 2.86 0.27
CA GLY A 221 37.98 2.68 0.64
C GLY A 221 37.60 1.23 0.85
N CYS A 222 38.59 0.33 0.76
CA CYS A 222 38.35 -1.10 0.89
C CYS A 222 39.14 -1.71 2.04
N PHE A 223 38.73 -2.90 2.46
CA PHE A 223 39.41 -3.64 3.52
C PHE A 223 39.86 -5.01 3.01
N GLU A 224 41.14 -5.32 3.20
CA GLU A 224 41.65 -6.64 2.89
C GLU A 224 41.63 -7.50 4.15
N PHE A 225 40.92 -8.63 4.09
CA PHE A 225 40.81 -9.51 5.25
C PHE A 225 42.07 -10.34 5.43
N TYR A 226 42.49 -10.50 6.68
CA TYR A 226 43.58 -11.39 7.02
C TYR A 226 43.06 -12.82 7.19
N HIS A 227 41.76 -12.99 7.00
CA HIS A 227 41.11 -14.30 7.09
C HIS A 227 40.07 -14.43 5.98
N LYS A 228 39.77 -15.67 5.60
CA LYS A 228 38.80 -15.90 4.53
C LYS A 228 37.37 -15.72 5.04
N CYS A 229 36.69 -14.72 4.47
CA CYS A 229 35.33 -14.39 4.86
C CYS A 229 34.34 -14.75 3.76
N ASN A 230 33.53 -15.79 4.01
CA ASN A 230 32.55 -16.24 3.03
C ASN A 230 31.37 -15.27 2.92
N ASN A 231 30.44 -15.56 2.01
CA ASN A 231 29.29 -14.69 1.78
C ASN A 231 28.45 -14.48 3.03
N GLU A 232 28.42 -15.48 3.90
CA GLU A 232 27.69 -15.38 5.16
C GLU A 232 28.36 -14.36 6.07
N CYS A 233 29.68 -14.44 6.16
CA CYS A 233 30.46 -13.53 6.97
C CYS A 233 30.38 -12.11 6.42
N MET A 234 30.33 -12.00 5.09
CA MET A 234 30.24 -10.70 4.43
C MET A 234 28.98 -9.94 4.86
N GLU A 235 27.92 -10.68 5.13
CA GLU A 235 26.66 -10.07 5.54
C GLU A 235 26.68 -9.70 7.01
N SER A 236 27.53 -10.37 7.78
CA SER A 236 27.70 -10.02 9.19
C SER A 236 28.38 -8.66 9.30
N VAL A 237 29.23 -8.36 8.32
CA VAL A 237 29.87 -7.05 8.23
C VAL A 237 28.86 -6.00 7.80
N LYS A 238 27.85 -6.43 7.04
CA LYS A 238 26.83 -5.52 6.53
C LYS A 238 25.74 -5.24 7.58
N ASN A 239 25.14 -6.29 8.13
CA ASN A 239 24.05 -6.12 9.08
C ASN A 239 24.56 -5.92 10.52
N GLY A 240 25.84 -5.62 10.65
CA GLY A 240 26.43 -5.25 11.93
C GLY A 240 26.36 -6.31 13.01
N THR A 241 26.96 -7.46 12.73
CA THR A 241 27.00 -8.58 13.68
C THR A 241 28.29 -9.35 13.52
N TYR A 242 29.35 -8.65 13.13
CA TYR A 242 30.63 -9.29 12.83
C TYR A 242 31.29 -9.84 14.08
N ASP A 243 31.24 -11.15 14.23
CA ASP A 243 31.88 -11.82 15.35
C ASP A 243 33.40 -11.71 15.21
N TYR A 244 33.96 -10.68 15.84
CA TYR A 244 35.39 -10.41 15.72
C TYR A 244 36.24 -11.49 16.38
N PRO A 245 35.90 -11.92 17.61
CA PRO A 245 36.69 -12.98 18.26
C PRO A 245 36.70 -14.30 17.49
N LYS A 246 35.71 -14.48 16.62
CA LYS A 246 35.57 -15.72 15.86
C LYS A 246 36.75 -15.95 14.92
N TYR A 247 37.12 -14.91 14.19
CA TYR A 247 38.23 -14.99 13.23
C TYR A 247 39.49 -14.35 13.81
N SER A 248 39.47 -14.06 15.11
CA SER A 248 40.56 -13.33 15.76
C SER A 248 41.92 -13.99 15.59
N GLU A 249 42.02 -15.27 15.94
CA GLU A 249 43.31 -15.95 15.96
C GLU A 249 43.93 -16.05 14.57
N GLU A 250 43.19 -16.63 13.62
CA GLU A 250 43.72 -16.81 12.27
C GLU A 250 44.03 -15.46 11.62
N SER A 251 43.41 -14.41 12.15
CA SER A 251 43.74 -13.05 11.75
C SER A 251 45.03 -12.61 12.44
N LYS A 252 45.07 -12.80 13.76
CA LYS A 252 46.26 -12.50 14.55
C LYS A 252 47.48 -13.23 14.01
N LEU A 253 47.25 -14.40 13.42
CA LEU A 253 48.32 -15.16 12.81
C LEU A 253 48.77 -14.52 11.50
N ASN A 254 47.86 -14.46 10.54
CA ASN A 254 48.16 -13.95 9.20
C ASN A 254 48.74 -12.53 9.20
N ARG A 255 48.56 -11.81 10.30
CA ARG A 255 49.19 -10.50 10.46
C ARG A 255 50.70 -10.65 10.60
N GLU A 256 51.12 -11.58 11.45
CA GLU A 256 52.54 -11.76 11.76
C GLU A 256 53.19 -12.81 10.86
N LYS A 257 52.41 -13.45 10.00
CA LYS A 257 52.96 -14.38 9.02
C LYS A 257 53.88 -13.65 8.05
N ILE A 258 53.37 -12.54 7.50
CA ILE A 258 54.13 -11.75 6.54
C ILE A 258 55.35 -11.13 7.22
N GLY A 263 67.05 -4.35 13.62
CA GLY A 263 65.61 -4.29 13.46
C GLY A 263 65.17 -3.06 12.69
N TYR A 264 66.03 -2.56 11.81
CA TYR A 264 65.73 -1.35 11.05
C TYR A 264 64.83 -1.68 9.86
N ILE A 265 64.34 -0.65 9.18
CA ILE A 265 63.40 -0.83 8.07
C ILE A 265 64.08 -0.71 6.71
N PRO A 266 63.41 -1.19 5.65
CA PRO A 266 63.96 -1.08 4.29
C PRO A 266 63.79 0.31 3.71
N GLU A 267 64.16 0.49 2.44
CA GLU A 267 64.11 1.79 1.80
C GLU A 267 62.84 2.00 0.99
N ALA A 268 62.34 3.23 0.98
CA ALA A 268 61.17 3.59 0.19
C ALA A 268 61.59 3.75 -1.27
N PRO A 269 60.68 3.43 -2.21
CA PRO A 269 61.01 3.59 -3.63
C PRO A 269 61.39 5.02 -3.99
N ARG A 270 62.54 5.19 -4.65
CA ARG A 270 62.99 6.50 -5.09
C ARG A 270 62.37 6.86 -6.43
N ASP A 271 61.28 7.62 -6.40
CA ASP A 271 60.58 8.03 -7.61
C ASP A 271 59.92 9.39 -7.45
N GLY A 272 60.47 10.21 -6.55
CA GLY A 272 59.96 11.55 -6.33
C GLY A 272 58.57 11.57 -5.71
N GLN A 273 58.27 10.54 -4.92
CA GLN A 273 57.00 10.45 -4.21
C GLN A 273 57.23 10.17 -2.73
N ALA A 274 56.55 10.93 -1.88
CA ALA A 274 56.73 10.82 -0.43
C ALA A 274 56.05 9.56 0.11
N TYR A 275 56.78 8.79 0.90
CA TYR A 275 56.27 7.53 1.45
C TYR A 275 56.17 7.58 2.98
N VAL A 276 55.16 6.89 3.51
CA VAL A 276 54.94 6.80 4.94
C VAL A 276 55.04 5.33 5.37
N ARG A 277 55.46 5.09 6.60
CA ARG A 277 55.70 3.73 7.08
C ARG A 277 54.50 3.17 7.85
N LYS A 278 53.93 2.10 7.31
CA LYS A 278 52.79 1.43 7.95
C LYS A 278 52.84 -0.08 7.67
N ASP A 279 52.37 -0.86 8.64
CA ASP A 279 52.41 -2.33 8.61
C ASP A 279 53.67 -2.92 7.97
N GLY A 280 54.80 -2.23 8.14
CA GLY A 280 56.06 -2.70 7.61
C GLY A 280 56.16 -2.60 6.11
N GLU A 281 55.40 -1.68 5.53
CA GLU A 281 55.45 -1.41 4.09
C GLU A 281 55.39 0.10 3.84
N TRP A 282 55.83 0.51 2.66
CA TRP A 282 55.83 1.92 2.29
C TRP A 282 54.56 2.30 1.54
N VAL A 283 53.74 3.15 2.15
CA VAL A 283 52.53 3.65 1.53
C VAL A 283 52.69 5.12 1.15
N LEU A 284 52.06 5.53 0.07
CA LEU A 284 52.14 6.89 -0.41
C LEU A 284 51.52 7.88 0.56
N LEU A 285 52.15 9.04 0.72
CA LEU A 285 51.63 10.10 1.58
C LEU A 285 50.42 10.77 0.91
N SER A 286 50.35 10.67 -0.41
CA SER A 286 49.26 11.27 -1.17
C SER A 286 47.97 10.45 -1.08
N THR A 287 48.01 9.38 -0.27
CA THR A 287 46.84 8.53 -0.05
C THR A 287 46.07 8.99 1.17
N PHE A 288 46.80 9.47 2.18
CA PHE A 288 46.20 9.94 3.42
C PHE A 288 45.73 11.38 3.28
N ASP B 1 8.19 -17.41 -10.94
CA ASP B 1 9.29 -18.43 -10.86
C ASP B 1 9.93 -18.45 -9.48
N ILE B 2 9.46 -17.58 -8.58
CA ILE B 2 9.93 -17.56 -7.20
C ILE B 2 8.71 -17.56 -6.28
N GLN B 3 8.62 -18.59 -5.45
CA GLN B 3 7.47 -18.82 -4.59
C GLN B 3 7.65 -18.17 -3.21
N MET B 4 6.54 -17.70 -2.64
CA MET B 4 6.53 -17.11 -1.31
C MET B 4 5.43 -17.72 -0.46
N THR B 5 5.76 -18.71 0.34
CA THR B 5 4.78 -19.35 1.23
C THR B 5 4.74 -18.63 2.57
N GLN B 6 3.67 -17.88 2.79
CA GLN B 6 3.47 -17.11 4.01
C GLN B 6 2.54 -17.83 4.96
N SER B 7 3.02 -18.12 6.17
CA SER B 7 2.24 -18.80 7.19
C SER B 7 2.37 -18.09 8.54
N PRO B 8 1.33 -18.19 9.38
CA PRO B 8 0.05 -18.89 9.15
C PRO B 8 -0.93 -18.04 8.36
N ALA B 9 -2.03 -18.66 7.93
CA ALA B 9 -3.04 -17.96 7.14
C ALA B 9 -3.98 -17.16 8.03
N SER B 10 -4.05 -17.54 9.30
CA SER B 10 -4.86 -16.81 10.27
C SER B 10 -4.36 -17.11 11.69
N GLN B 11 -4.51 -16.12 12.57
CA GLN B 11 -4.00 -16.23 13.94
C GLN B 11 -5.00 -15.61 14.90
N SER B 12 -4.96 -16.04 16.15
CA SER B 12 -5.85 -15.52 17.19
C SER B 12 -5.06 -15.17 18.44
N ALA B 13 -5.22 -13.93 18.90
CA ALA B 13 -4.54 -13.47 20.10
C ALA B 13 -5.29 -12.29 20.74
N SER B 14 -5.03 -12.07 22.01
CA SER B 14 -5.66 -10.98 22.75
C SER B 14 -4.83 -9.71 22.63
N LEU B 15 -5.32 -8.62 23.21
CA LEU B 15 -4.62 -7.34 23.19
C LEU B 15 -3.33 -7.39 23.99
N GLY B 16 -2.22 -7.01 23.36
CA GLY B 16 -0.94 -6.95 24.02
C GLY B 16 -0.08 -8.17 23.78
N GLU B 17 -0.70 -9.27 23.37
CA GLU B 17 0.04 -10.51 23.10
C GLU B 17 0.87 -10.36 21.83
N SER B 18 2.02 -11.03 21.81
CA SER B 18 2.93 -10.93 20.67
C SER B 18 2.62 -12.00 19.63
N VAL B 19 2.60 -11.60 18.36
CA VAL B 19 2.33 -12.50 17.25
C VAL B 19 3.46 -12.40 16.22
N THR B 20 3.88 -13.56 15.71
CA THR B 20 4.97 -13.63 14.74
C THR B 20 4.53 -14.37 13.48
N ILE B 21 4.70 -13.72 12.33
CA ILE B 21 4.28 -14.26 11.05
C ILE B 21 5.49 -14.58 10.17
N THR B 22 5.66 -15.85 9.85
CA THR B 22 6.79 -16.30 9.03
C THR B 22 6.48 -16.10 7.54
N CYS B 23 7.52 -16.12 6.73
CA CYS B 23 7.37 -16.02 5.28
C CYS B 23 8.57 -16.67 4.59
N LEU B 24 8.38 -17.91 4.14
CA LEU B 24 9.45 -18.69 3.53
C LEU B 24 9.54 -18.43 2.03
N ALA B 25 10.74 -18.09 1.56
CA ALA B 25 10.98 -17.83 0.15
C ALA B 25 11.61 -19.04 -0.52
N SER B 26 11.10 -19.40 -1.69
CA SER B 26 11.58 -20.57 -2.43
C SER B 26 13.06 -20.46 -2.78
N GLN B 27 13.40 -19.41 -3.53
CA GLN B 27 14.79 -19.15 -3.89
C GLN B 27 15.39 -18.09 -2.97
N THR B 28 16.71 -17.94 -3.03
CA THR B 28 17.42 -16.98 -2.18
C THR B 28 17.03 -15.55 -2.57
N ILE B 29 16.76 -14.73 -1.55
CA ILE B 29 16.28 -13.37 -1.75
C ILE B 29 17.22 -12.35 -1.11
N GLY B 30 17.87 -12.75 -0.02
CA GLY B 30 18.78 -11.87 0.68
C GLY B 30 18.04 -10.97 1.66
N THR B 31 17.90 -9.71 1.29
CA THR B 31 17.23 -8.72 2.14
C THR B 31 16.08 -8.05 1.40
N TRP B 32 15.79 -8.51 0.19
CA TRP B 32 14.79 -7.88 -0.66
C TRP B 32 13.39 -8.38 -0.33
N LEU B 33 12.88 -7.95 0.82
CA LEU B 33 11.55 -8.37 1.27
C LEU B 33 10.83 -7.22 1.98
N ALA B 34 9.51 -7.18 1.81
CA ALA B 34 8.69 -6.12 2.40
C ALA B 34 7.46 -6.70 3.08
N TRP B 35 6.80 -5.87 3.90
CA TRP B 35 5.61 -6.28 4.64
C TRP B 35 4.54 -5.20 4.58
N TYR B 36 3.28 -5.63 4.40
CA TYR B 36 2.17 -4.71 4.23
C TYR B 36 1.06 -4.93 5.25
N GLN B 37 0.13 -3.97 5.30
CA GLN B 37 -1.05 -4.08 6.15
C GLN B 37 -2.26 -3.51 5.43
N GLN B 38 -3.24 -4.36 5.14
CA GLN B 38 -4.45 -3.94 4.46
C GLN B 38 -5.66 -4.00 5.37
N LYS B 39 -6.24 -2.84 5.65
CA LYS B 39 -7.51 -2.77 6.36
C LYS B 39 -8.62 -3.15 5.39
N PRO B 40 -9.77 -3.64 5.92
CA PRO B 40 -10.86 -4.08 5.04
C PRO B 40 -11.37 -2.99 4.10
N GLY B 41 -11.44 -3.30 2.81
CA GLY B 41 -11.94 -2.36 1.83
C GLY B 41 -10.99 -1.21 1.54
N LYS B 42 -9.77 -1.34 2.05
CA LYS B 42 -8.73 -0.34 1.82
C LYS B 42 -7.58 -0.96 1.05
N SER B 43 -6.65 -0.13 0.59
CA SER B 43 -5.48 -0.60 -0.14
C SER B 43 -4.40 -1.02 0.84
N PRO B 44 -3.45 -1.85 0.38
CA PRO B 44 -2.32 -2.22 1.24
C PRO B 44 -1.50 -1.00 1.66
N GLN B 45 -0.64 -1.17 2.67
CA GLN B 45 0.15 -0.08 3.19
C GLN B 45 1.51 -0.61 3.64
N LEU B 46 2.58 0.01 3.16
CA LEU B 46 3.93 -0.46 3.45
C LEU B 46 4.29 -0.27 4.92
N LEU B 47 4.87 -1.32 5.49
CA LEU B 47 5.30 -1.31 6.89
C LEU B 47 6.81 -1.49 6.97
N ILE B 48 7.28 -2.62 6.46
CA ILE B 48 8.69 -2.96 6.48
C ILE B 48 9.23 -3.10 5.06
N TYR B 49 10.47 -2.64 4.87
CA TYR B 49 11.19 -2.87 3.62
C TYR B 49 12.62 -3.27 3.98
N ALA B 50 13.37 -3.75 2.99
CA ALA B 50 14.73 -4.21 3.23
C ALA B 50 14.76 -5.23 4.37
N ALA B 51 13.71 -6.03 4.46
CA ALA B 51 13.58 -7.14 5.40
C ALA B 51 13.40 -6.71 6.87
N THR B 52 14.01 -5.60 7.28
CA THR B 52 14.03 -5.22 8.69
C THR B 52 13.70 -3.76 8.94
N SER B 53 13.81 -2.93 7.90
CA SER B 53 13.65 -1.49 8.06
C SER B 53 12.18 -1.06 8.01
N LEU B 54 11.77 -0.25 8.98
CA LEU B 54 10.40 0.26 9.03
C LEU B 54 10.24 1.48 8.13
N ALA B 55 9.11 1.55 7.43
CA ALA B 55 8.76 2.74 6.69
C ALA B 55 8.53 3.88 7.68
N ASP B 56 8.60 5.11 7.21
CA ASP B 56 8.37 6.26 8.09
C ASP B 56 6.91 6.30 8.53
N GLY B 57 6.68 6.79 9.74
CA GLY B 57 5.33 6.89 10.28
C GLY B 57 4.77 5.55 10.69
N VAL B 58 5.66 4.61 11.00
CA VAL B 58 5.27 3.25 11.40
C VAL B 58 5.64 3.03 12.87
N PRO B 59 4.72 2.43 13.66
CA PRO B 59 5.01 2.20 15.09
C PRO B 59 6.17 1.24 15.35
N SER B 60 6.67 1.25 16.58
CA SER B 60 7.84 0.47 16.95
C SER B 60 7.50 -0.95 17.39
N ARG B 61 6.21 -1.24 17.58
CA ARG B 61 5.78 -2.60 17.88
C ARG B 61 6.01 -3.50 16.67
N PHE B 62 5.85 -2.92 15.49
CA PHE B 62 6.11 -3.64 14.25
C PHE B 62 7.60 -3.79 14.02
N SER B 63 8.02 -4.98 13.60
CA SER B 63 9.43 -5.27 13.38
C SER B 63 9.61 -6.49 12.49
N GLY B 64 10.56 -6.40 11.57
CA GLY B 64 10.87 -7.49 10.67
C GLY B 64 12.28 -8.00 10.88
N SER B 65 12.47 -9.31 10.68
CA SER B 65 13.79 -9.92 10.77
C SER B 65 13.87 -11.11 9.81
N GLY B 66 15.08 -11.49 9.46
CA GLY B 66 15.31 -12.62 8.56
C GLY B 66 16.13 -12.25 7.34
N SER B 67 16.79 -13.25 6.77
CA SER B 67 17.64 -13.05 5.61
C SER B 67 17.71 -14.32 4.76
N GLY B 68 17.89 -14.15 3.45
CA GLY B 68 18.08 -15.27 2.56
C GLY B 68 16.79 -15.88 2.04
N THR B 69 16.14 -16.71 2.86
CA THR B 69 14.91 -17.39 2.46
C THR B 69 13.91 -17.56 3.61
N LYS B 70 14.29 -17.11 4.81
CA LYS B 70 13.46 -17.29 6.00
C LYS B 70 13.26 -15.96 6.71
N PHE B 71 12.03 -15.45 6.68
CA PHE B 71 11.72 -14.13 7.21
C PHE B 71 10.60 -14.14 8.25
N SER B 72 10.72 -13.27 9.24
CA SER B 72 9.75 -13.17 10.32
C SER B 72 9.07 -11.81 10.31
N PHE B 73 8.10 -11.63 11.21
CA PHE B 73 7.36 -10.37 11.30
C PHE B 73 6.58 -10.31 12.61
N LYS B 74 7.08 -9.53 13.57
CA LYS B 74 6.50 -9.48 14.91
C LYS B 74 5.61 -8.26 15.13
N ILE B 75 4.76 -8.36 16.15
CA ILE B 75 4.04 -7.22 16.69
C ILE B 75 4.14 -7.30 18.21
N SER B 76 4.85 -6.36 18.81
CA SER B 76 5.11 -6.36 20.25
C SER B 76 3.82 -6.50 21.07
N SER B 77 3.03 -5.43 21.09
CA SER B 77 1.73 -5.43 21.78
C SER B 77 0.61 -5.12 20.81
N LEU B 78 -0.24 -6.11 20.56
CA LEU B 78 -1.35 -5.94 19.64
C LEU B 78 -2.34 -4.91 20.15
N GLN B 79 -3.00 -4.23 19.22
CA GLN B 79 -4.00 -3.22 19.54
C GLN B 79 -5.23 -3.43 18.67
N ALA B 80 -6.26 -2.60 18.86
CA ALA B 80 -7.54 -2.79 18.20
C ALA B 80 -7.43 -2.73 16.68
N GLU B 81 -6.56 -1.86 16.17
CA GLU B 81 -6.45 -1.64 14.73
C GLU B 81 -5.60 -2.72 14.05
N ASP B 82 -4.78 -3.40 14.85
CA ASP B 82 -3.80 -4.33 14.31
C ASP B 82 -4.42 -5.62 13.79
N PHE B 83 -5.66 -5.90 14.20
CA PHE B 83 -6.32 -7.14 13.80
C PHE B 83 -6.92 -7.01 12.40
N VAL B 84 -6.03 -6.89 11.40
CA VAL B 84 -6.44 -6.84 10.01
C VAL B 84 -5.63 -7.86 9.21
N SER B 85 -5.55 -7.67 7.89
CA SER B 85 -4.82 -8.57 7.02
C SER B 85 -3.39 -8.05 6.76
N TYR B 86 -2.46 -9.00 6.59
CA TYR B 86 -1.05 -8.67 6.37
C TYR B 86 -0.47 -9.53 5.25
N TYR B 87 0.28 -8.91 4.35
CA TYR B 87 0.95 -9.63 3.27
C TYR B 87 2.45 -9.34 3.28
N CYS B 88 3.23 -10.32 2.87
CA CYS B 88 4.66 -10.14 2.64
C CYS B 88 4.92 -10.13 1.14
N GLN B 89 5.97 -9.44 0.70
CA GLN B 89 6.31 -9.41 -0.72
C GLN B 89 7.81 -9.45 -0.95
N GLN B 90 8.18 -10.05 -2.07
CA GLN B 90 9.56 -10.15 -2.52
C GLN B 90 9.79 -9.26 -3.73
N LEU B 91 10.93 -8.56 -3.74
CA LEU B 91 11.26 -7.66 -4.84
C LEU B 91 12.72 -7.85 -5.28
N TYR B 92 13.21 -9.08 -5.14
CA TYR B 92 14.57 -9.42 -5.53
C TYR B 92 14.68 -9.57 -7.04
N SER B 93 13.74 -10.33 -7.61
CA SER B 93 13.71 -10.59 -9.04
C SER B 93 12.27 -10.75 -9.50
N THR B 94 12.01 -10.33 -10.74
CA THR B 94 10.68 -10.46 -11.34
C THR B 94 10.32 -11.94 -11.50
N PRO B 95 9.06 -12.31 -11.21
CA PRO B 95 7.96 -11.47 -10.74
C PRO B 95 8.02 -11.18 -9.24
N TRP B 96 7.74 -9.93 -8.87
CA TRP B 96 7.67 -9.54 -7.47
C TRP B 96 6.44 -10.16 -6.82
N THR B 97 6.58 -11.36 -6.30
CA THR B 97 5.44 -12.15 -5.83
C THR B 97 5.07 -11.87 -4.37
N PHE B 98 3.77 -11.95 -4.09
CA PHE B 98 3.25 -11.78 -2.73
C PHE B 98 3.06 -13.13 -2.05
N GLY B 99 2.96 -13.10 -0.72
CA GLY B 99 2.66 -14.29 0.05
C GLY B 99 1.17 -14.53 0.11
N GLY B 100 0.77 -15.60 0.77
CA GLY B 100 -0.64 -15.95 0.86
C GLY B 100 -1.45 -14.95 1.67
N GLY B 101 -0.81 -14.36 2.68
CA GLY B 101 -1.47 -13.42 3.56
C GLY B 101 -1.72 -14.01 4.93
N THR B 102 -2.21 -13.19 5.86
CA THR B 102 -2.51 -13.63 7.21
C THR B 102 -3.57 -12.73 7.83
N LYS B 103 -4.74 -13.29 8.13
CA LYS B 103 -5.82 -12.52 8.72
C LYS B 103 -5.86 -12.69 10.23
N LEU B 104 -5.65 -11.60 10.95
CA LEU B 104 -5.69 -11.61 12.41
C LEU B 104 -7.10 -11.33 12.91
N GLU B 105 -7.43 -11.91 14.05
CA GLU B 105 -8.74 -11.73 14.67
C GLU B 105 -8.61 -11.63 16.19
N ILE B 106 -9.56 -10.94 16.80
CA ILE B 106 -9.56 -10.78 18.26
C ILE B 106 -9.98 -12.07 18.92
N LYS B 107 -9.35 -12.38 20.06
CA LYS B 107 -9.70 -13.56 20.84
C LYS B 107 -10.60 -13.17 22.00
N ARG B 108 -11.89 -13.48 21.87
CA ARG B 108 -12.89 -13.12 22.88
C ARG B 108 -13.42 -14.36 23.58
N ALA B 109 -14.40 -14.16 24.46
CA ALA B 109 -15.10 -15.25 25.12
C ALA B 109 -16.22 -15.77 24.22
N ASP B 110 -16.41 -17.08 24.22
CA ASP B 110 -17.35 -17.72 23.31
C ASP B 110 -18.76 -17.17 23.44
N ALA B 111 -19.57 -17.36 22.41
CA ALA B 111 -20.95 -16.87 22.39
C ALA B 111 -21.85 -17.80 21.60
N ALA B 112 -23.06 -18.01 22.12
CA ALA B 112 -24.03 -18.89 21.47
C ALA B 112 -24.64 -18.20 20.26
N PRO B 113 -24.94 -18.97 19.19
CA PRO B 113 -25.57 -18.34 18.03
C PRO B 113 -27.03 -17.96 18.29
N THR B 114 -27.43 -16.77 17.88
CA THR B 114 -28.82 -16.37 17.95
C THR B 114 -29.58 -17.04 16.80
N VAL B 115 -29.68 -18.36 16.88
CA VAL B 115 -30.31 -19.14 15.82
C VAL B 115 -31.77 -18.77 15.67
N SER B 116 -32.21 -18.61 14.43
CA SER B 116 -33.59 -18.26 14.14
C SER B 116 -33.93 -18.59 12.70
N ILE B 117 -35.04 -19.30 12.51
CA ILE B 117 -35.51 -19.69 11.18
C ILE B 117 -36.55 -18.69 10.68
N PHE B 118 -36.67 -18.58 9.36
CA PHE B 118 -37.59 -17.62 8.75
C PHE B 118 -38.25 -18.23 7.52
N PRO B 119 -39.52 -18.65 7.66
CA PRO B 119 -40.23 -19.27 6.53
C PRO B 119 -40.32 -18.36 5.30
N PRO B 120 -40.71 -18.92 4.15
CA PRO B 120 -40.82 -18.14 2.91
C PRO B 120 -41.79 -16.97 3.03
N SER B 121 -41.69 -16.03 2.09
CA SER B 121 -42.57 -14.87 2.06
C SER B 121 -43.72 -15.11 1.09
N SER B 122 -44.89 -14.57 1.41
CA SER B 122 -46.06 -14.69 0.55
C SER B 122 -45.78 -14.02 -0.80
N GLU B 123 -44.91 -13.02 -0.79
CA GLU B 123 -44.52 -12.34 -2.02
C GLU B 123 -43.75 -13.29 -2.93
N GLN B 124 -42.79 -14.00 -2.35
CA GLN B 124 -41.95 -14.92 -3.11
C GLN B 124 -42.76 -16.10 -3.64
N LEU B 125 -43.75 -16.52 -2.87
CA LEU B 125 -44.60 -17.65 -3.25
C LEU B 125 -45.56 -17.27 -4.38
N THR B 126 -45.57 -16.00 -4.75
CA THR B 126 -46.45 -15.53 -5.82
C THR B 126 -45.78 -15.71 -7.19
N SER B 127 -44.47 -15.46 -7.26
CA SER B 127 -43.73 -15.58 -8.51
C SER B 127 -43.17 -16.99 -8.69
N GLY B 128 -43.82 -17.96 -8.05
CA GLY B 128 -43.43 -19.36 -8.20
C GLY B 128 -42.04 -19.65 -7.64
N GLY B 129 -41.76 -19.15 -6.45
CA GLY B 129 -40.48 -19.38 -5.80
C GLY B 129 -40.63 -19.46 -4.29
N ALA B 130 -39.57 -19.90 -3.61
CA ALA B 130 -39.58 -20.01 -2.16
C ALA B 130 -38.16 -20.19 -1.62
N SER B 131 -37.88 -19.51 -0.51
CA SER B 131 -36.58 -19.59 0.15
C SER B 131 -36.75 -19.61 1.67
N VAL B 132 -35.89 -20.38 2.34
CA VAL B 132 -35.92 -20.49 3.79
C VAL B 132 -34.61 -19.99 4.39
N VAL B 133 -34.65 -18.83 5.02
CA VAL B 133 -33.47 -18.20 5.60
C VAL B 133 -33.26 -18.68 7.04
N CYS B 134 -32.00 -18.65 7.50
CA CYS B 134 -31.65 -19.10 8.83
C CYS B 134 -30.44 -18.30 9.35
N PHE B 135 -30.71 -17.40 10.29
CA PHE B 135 -29.68 -16.50 10.80
C PHE B 135 -29.02 -17.03 12.07
N LEU B 136 -27.70 -17.15 12.02
CA LEU B 136 -26.90 -17.58 13.16
C LEU B 136 -26.05 -16.41 13.62
N ASN B 137 -26.72 -15.42 14.23
CA ASN B 137 -26.06 -14.17 14.57
C ASN B 137 -25.23 -14.22 15.85
N ASN B 138 -24.16 -13.42 15.86
CA ASN B 138 -23.38 -13.18 17.06
C ASN B 138 -22.89 -14.46 17.76
N PHE B 139 -21.92 -15.12 17.14
CA PHE B 139 -21.34 -16.33 17.73
C PHE B 139 -19.83 -16.32 17.57
N TYR B 140 -19.14 -16.83 18.58
CA TYR B 140 -17.69 -16.97 18.55
C TYR B 140 -17.30 -18.30 19.21
N PRO B 141 -16.33 -19.03 18.64
CA PRO B 141 -15.48 -18.75 17.47
C PRO B 141 -16.20 -18.81 16.12
N LYS B 142 -15.43 -18.64 15.05
CA LYS B 142 -15.96 -18.54 13.70
C LYS B 142 -16.46 -19.88 13.17
N ASP B 143 -15.89 -20.98 13.65
CA ASP B 143 -16.22 -22.30 13.14
C ASP B 143 -17.62 -22.73 13.54
N ILE B 144 -18.50 -22.83 12.55
CA ILE B 144 -19.87 -23.26 12.78
C ILE B 144 -20.32 -24.12 11.60
N ASN B 145 -21.33 -24.96 11.81
CA ASN B 145 -21.81 -25.86 10.77
C ASN B 145 -23.33 -25.97 10.75
N VAL B 146 -23.94 -25.34 9.75
CA VAL B 146 -25.38 -25.43 9.55
C VAL B 146 -25.72 -26.72 8.78
N LYS B 147 -26.85 -27.32 9.12
CA LYS B 147 -27.34 -28.50 8.42
C LYS B 147 -28.85 -28.45 8.27
N TRP B 148 -29.32 -28.26 7.03
CA TRP B 148 -30.75 -28.23 6.76
C TRP B 148 -31.33 -29.63 6.75
N LYS B 149 -32.58 -29.75 7.18
CA LYS B 149 -33.28 -31.03 7.17
C LYS B 149 -34.76 -30.86 6.90
N ILE B 150 -35.17 -31.16 5.66
CA ILE B 150 -36.57 -31.12 5.29
C ILE B 150 -37.20 -32.50 5.51
N ASP B 151 -38.22 -32.55 6.39
CA ASP B 151 -38.91 -33.79 6.72
C ASP B 151 -37.94 -34.88 7.20
N GLY B 152 -36.95 -34.49 7.99
CA GLY B 152 -36.09 -35.44 8.66
C GLY B 152 -35.00 -36.05 7.77
N SER B 153 -34.71 -35.40 6.65
CA SER B 153 -33.63 -35.82 5.77
C SER B 153 -32.78 -34.63 5.37
N GLU B 154 -31.46 -34.85 5.32
CA GLU B 154 -30.52 -33.77 5.07
C GLU B 154 -30.71 -33.15 3.69
N ARG B 155 -30.34 -31.88 3.57
CA ARG B 155 -30.44 -31.15 2.31
C ARG B 155 -29.14 -30.41 2.02
N GLN B 156 -28.67 -30.51 0.79
CA GLN B 156 -27.37 -29.95 0.40
C GLN B 156 -27.48 -28.97 -0.76
N ASN B 157 -28.18 -29.37 -1.81
CA ASN B 157 -28.35 -28.52 -2.98
C ASN B 157 -29.49 -27.54 -2.78
N GLY B 158 -29.26 -26.30 -3.19
CA GLY B 158 -30.19 -25.21 -2.95
C GLY B 158 -29.74 -24.35 -1.79
N VAL B 159 -28.80 -24.87 -1.01
CA VAL B 159 -28.26 -24.15 0.13
C VAL B 159 -27.29 -23.06 -0.32
N LEU B 160 -27.27 -21.97 0.42
CA LEU B 160 -26.46 -20.80 0.07
C LEU B 160 -26.12 -20.00 1.32
N ASN B 161 -24.91 -20.23 1.84
CA ASN B 161 -24.48 -19.61 3.10
C ASN B 161 -23.66 -18.34 2.89
N SER B 162 -23.51 -17.57 3.97
CA SER B 162 -22.71 -16.35 3.94
C SER B 162 -22.23 -16.02 5.36
N TRP B 163 -21.06 -15.41 5.46
CA TRP B 163 -20.45 -15.09 6.75
C TRP B 163 -19.93 -13.65 6.78
N THR B 164 -20.20 -12.95 7.88
CA THR B 164 -19.68 -11.61 8.07
C THR B 164 -18.32 -11.66 8.77
N ASP B 165 -17.50 -10.63 8.54
CA ASP B 165 -16.23 -10.53 9.23
C ASP B 165 -16.46 -10.31 10.71
N GLN B 166 -15.47 -10.68 11.52
CA GLN B 166 -15.55 -10.53 12.97
C GLN B 166 -16.02 -9.13 13.35
N ASP B 167 -17.28 -9.03 13.76
CA ASP B 167 -17.93 -7.74 13.98
C ASP B 167 -17.08 -6.79 14.84
N SER B 168 -16.98 -5.54 14.41
CA SER B 168 -16.13 -4.57 15.07
C SER B 168 -16.69 -4.12 16.41
N LYS B 169 -17.93 -4.51 16.70
CA LYS B 169 -18.62 -4.06 17.91
C LYS B 169 -18.52 -5.08 19.04
N ASP B 170 -18.68 -6.36 18.70
CA ASP B 170 -18.71 -7.43 19.69
C ASP B 170 -17.73 -8.57 19.36
N SER B 171 -17.01 -8.41 18.26
CA SER B 171 -16.01 -9.40 17.84
C SER B 171 -16.62 -10.78 17.60
N THR B 172 -17.92 -10.81 17.29
CA THR B 172 -18.62 -12.06 17.03
C THR B 172 -19.03 -12.17 15.56
N TYR B 173 -18.97 -13.39 15.03
CA TYR B 173 -19.35 -13.65 13.65
C TYR B 173 -20.85 -13.88 13.54
N SER B 174 -21.40 -13.61 12.36
CA SER B 174 -22.80 -13.86 12.07
C SER B 174 -22.91 -14.53 10.71
N MET B 175 -23.91 -15.40 10.55
CA MET B 175 -24.03 -16.22 9.36
C MET B 175 -25.42 -16.26 8.77
N SER B 176 -25.49 -16.24 7.45
CA SER B 176 -26.74 -16.41 6.71
C SER B 176 -26.77 -17.79 6.05
N SER B 177 -27.97 -18.22 5.66
CA SER B 177 -28.12 -19.51 5.00
C SER B 177 -29.45 -19.57 4.26
N THR B 178 -29.42 -19.22 2.97
CA THR B 178 -30.63 -19.14 2.16
C THR B 178 -30.88 -20.44 1.40
N LEU B 179 -31.68 -21.32 1.99
CA LEU B 179 -32.09 -22.55 1.33
C LEU B 179 -33.20 -22.25 0.32
N THR B 180 -32.89 -22.41 -0.96
CA THR B 180 -33.81 -22.08 -2.04
C THR B 180 -34.48 -23.32 -2.60
N LEU B 181 -35.75 -23.17 -2.98
CA LEU B 181 -36.54 -24.26 -3.54
C LEU B 181 -37.52 -23.74 -4.57
N THR B 182 -38.21 -24.66 -5.26
CA THR B 182 -39.31 -24.30 -6.13
C THR B 182 -40.60 -24.31 -5.32
N LYS B 183 -41.58 -23.52 -5.74
CA LYS B 183 -42.86 -23.46 -5.04
C LYS B 183 -43.54 -24.82 -5.03
N ASP B 184 -43.31 -25.60 -6.08
CA ASP B 184 -43.95 -26.90 -6.21
C ASP B 184 -43.46 -27.86 -5.14
N GLU B 185 -42.15 -27.84 -4.87
CA GLU B 185 -41.54 -28.79 -3.94
C GLU B 185 -41.75 -28.39 -2.47
N TYR B 186 -41.76 -27.10 -2.20
CA TYR B 186 -41.92 -26.61 -0.83
C TYR B 186 -43.26 -27.06 -0.25
N GLU B 187 -44.25 -27.18 -1.11
CA GLU B 187 -45.60 -27.56 -0.70
C GLU B 187 -45.70 -29.06 -0.39
N ARG B 188 -44.86 -29.85 -1.04
CA ARG B 188 -44.91 -31.31 -0.88
C ARG B 188 -44.34 -31.77 0.46
N HIS B 189 -43.47 -30.94 1.05
CA HIS B 189 -42.86 -31.24 2.33
C HIS B 189 -43.38 -30.29 3.40
N ASN B 190 -43.19 -30.65 4.68
CA ASN B 190 -43.80 -29.93 5.78
C ASN B 190 -42.82 -29.42 6.85
N SER B 191 -41.97 -30.31 7.34
CA SER B 191 -41.04 -29.96 8.42
C SER B 191 -39.73 -29.40 7.88
N TYR B 192 -39.39 -28.18 8.30
CA TYR B 192 -38.19 -27.50 7.82
C TYR B 192 -37.28 -27.10 8.98
N THR B 193 -36.11 -27.74 9.03
CA THR B 193 -35.18 -27.60 10.16
C THR B 193 -33.78 -27.18 9.69
N CYS B 194 -33.09 -26.42 10.52
CA CYS B 194 -31.69 -26.08 10.28
C CYS B 194 -30.87 -26.24 11.57
N GLU B 195 -29.97 -27.22 11.56
CA GLU B 195 -29.19 -27.56 12.75
C GLU B 195 -27.83 -26.87 12.79
N ALA B 196 -27.70 -25.88 13.67
CA ALA B 196 -26.45 -25.14 13.81
C ALA B 196 -25.55 -25.75 14.87
N THR B 197 -24.51 -26.45 14.41
CA THR B 197 -23.56 -27.09 15.33
C THR B 197 -22.40 -26.13 15.64
N HIS B 198 -22.30 -25.75 16.90
CA HIS B 198 -21.27 -24.80 17.34
C HIS B 198 -20.56 -25.30 18.59
N LYS B 199 -19.38 -24.74 18.85
CA LYS B 199 -18.56 -25.12 19.99
C LYS B 199 -19.24 -24.86 21.34
N THR B 200 -20.26 -24.01 21.33
CA THR B 200 -20.95 -23.63 22.56
C THR B 200 -22.00 -24.64 23.01
N SER B 201 -22.02 -25.81 22.37
CA SER B 201 -22.97 -26.85 22.73
C SER B 201 -22.55 -28.20 22.18
N THR B 202 -22.72 -29.24 22.99
CA THR B 202 -22.48 -30.61 22.53
C THR B 202 -23.62 -31.03 21.61
N SER B 203 -24.84 -30.91 22.11
CA SER B 203 -26.02 -31.20 21.31
C SER B 203 -26.27 -30.03 20.33
N PRO B 204 -26.61 -30.35 19.07
CA PRO B 204 -26.81 -29.29 18.08
C PRO B 204 -27.86 -28.25 18.48
N ILE B 205 -27.61 -26.99 18.15
CA ILE B 205 -28.58 -25.91 18.36
C ILE B 205 -29.47 -25.82 17.12
N VAL B 206 -30.76 -26.10 17.30
CA VAL B 206 -31.67 -26.29 16.17
C VAL B 206 -32.95 -25.46 16.32
N LYS B 207 -33.30 -24.76 15.24
CA LYS B 207 -34.59 -24.12 15.09
C LYS B 207 -35.36 -24.81 13.95
N SER B 208 -36.67 -24.65 13.93
CA SER B 208 -37.48 -25.24 12.86
C SER B 208 -38.91 -24.72 12.87
N PHE B 209 -39.68 -25.17 11.88
CA PHE B 209 -41.09 -24.88 11.79
C PHE B 209 -41.76 -25.88 10.87
N ASN B 210 -43.07 -26.09 11.06
CA ASN B 210 -43.84 -26.95 10.17
C ASN B 210 -44.60 -26.09 9.17
N ARG B 211 -44.83 -26.65 7.98
CA ARG B 211 -45.48 -25.93 6.90
C ARG B 211 -46.89 -25.45 7.27
N ASN B 212 -47.46 -25.99 8.33
CA ASN B 212 -48.83 -25.64 8.72
C ASN B 212 -48.99 -24.19 9.19
N GLU B 213 -48.43 -23.25 8.44
CA GLU B 213 -48.56 -21.83 8.73
C GLU B 213 -49.84 -21.33 8.07
N CYS B 214 -49.69 -20.65 6.93
CA CYS B 214 -50.81 -20.24 6.09
C CYS B 214 -51.74 -19.26 6.80
N GLU C 1 0.24 15.77 -1.23
CA GLU C 1 1.23 14.66 -1.26
C GLU C 1 1.19 13.94 -2.61
N VAL C 2 1.85 12.79 -2.67
CA VAL C 2 1.70 11.89 -3.81
C VAL C 2 0.34 11.21 -3.69
N LYS C 3 -0.29 10.98 -4.83
CA LYS C 3 -1.63 10.40 -4.86
C LYS C 3 -1.85 9.61 -6.13
N LEU C 4 -2.21 8.34 -5.98
CA LEU C 4 -2.55 7.48 -7.11
C LEU C 4 -4.05 7.27 -7.18
N VAL C 5 -4.59 7.31 -8.39
CA VAL C 5 -6.01 7.11 -8.61
C VAL C 5 -6.24 6.25 -9.86
N GLU C 6 -6.95 5.14 -9.68
CA GLU C 6 -7.29 4.27 -10.79
C GLU C 6 -8.59 4.71 -11.44
N SER C 7 -8.86 4.16 -12.61
CA SER C 7 -10.09 4.42 -13.34
C SER C 7 -10.21 3.46 -14.51
N GLY C 8 -11.43 3.23 -14.97
CA GLY C 8 -11.69 2.38 -16.12
C GLY C 8 -12.20 1.00 -15.74
N GLY C 9 -12.56 0.83 -14.48
CA GLY C 9 -13.17 -0.41 -14.04
C GLY C 9 -14.64 -0.45 -14.42
N GLY C 10 -15.30 -1.58 -14.19
CA GLY C 10 -16.71 -1.72 -14.49
C GLY C 10 -17.10 -3.08 -15.03
N LEU C 11 -18.23 -3.14 -15.70
CA LEU C 11 -18.76 -4.39 -16.24
C LEU C 11 -18.17 -4.70 -17.62
N VAL C 12 -17.66 -5.92 -17.77
CA VAL C 12 -17.10 -6.38 -19.03
C VAL C 12 -17.45 -7.85 -19.23
N GLN C 13 -17.88 -8.21 -20.44
CA GLN C 13 -18.32 -9.58 -20.71
C GLN C 13 -17.12 -10.48 -21.03
N PRO C 14 -17.26 -11.79 -20.77
CA PRO C 14 -16.14 -12.74 -20.95
C PRO C 14 -15.54 -12.74 -22.36
N GLY C 15 -14.22 -12.75 -22.43
CA GLY C 15 -13.52 -12.80 -23.71
C GLY C 15 -13.30 -11.43 -24.33
N GLY C 16 -13.90 -10.41 -23.73
CA GLY C 16 -13.74 -9.04 -24.21
C GLY C 16 -12.43 -8.43 -23.77
N SER C 17 -12.35 -7.10 -23.86
CA SER C 17 -11.15 -6.37 -23.44
C SER C 17 -11.51 -5.17 -22.56
N LEU C 18 -10.49 -4.60 -21.93
CA LEU C 18 -10.70 -3.45 -21.05
C LEU C 18 -9.37 -2.73 -20.81
N ARG C 19 -9.44 -1.42 -20.59
CA ARG C 19 -8.25 -0.59 -20.50
C ARG C 19 -8.28 0.29 -19.23
N LEU C 20 -7.55 -0.13 -18.21
CA LEU C 20 -7.47 0.62 -16.95
C LEU C 20 -6.47 1.76 -17.05
N SER C 21 -6.60 2.73 -16.14
CA SER C 21 -5.70 3.87 -16.08
C SER C 21 -5.24 4.14 -14.64
N CYS C 22 -4.07 4.72 -14.50
CA CYS C 22 -3.56 5.14 -13.20
C CYS C 22 -2.87 6.50 -13.32
N GLY C 23 -3.45 7.51 -12.68
CA GLY C 23 -2.96 8.88 -12.80
C GLY C 23 -2.24 9.39 -11.57
N THR C 24 -0.91 9.44 -11.65
CA THR C 24 -0.11 9.99 -10.58
C THR C 24 -0.38 11.50 -10.44
N SER C 25 -0.78 11.92 -9.25
CA SER C 25 -1.11 13.32 -8.99
C SER C 25 -0.40 13.81 -7.74
N GLY C 26 0.40 14.87 -7.90
CA GLY C 26 1.19 15.41 -6.81
C GLY C 26 2.66 15.42 -7.18
N PHE C 27 3.46 16.18 -6.45
CA PHE C 27 4.88 16.30 -6.75
C PHE C 27 5.59 14.98 -6.47
N THR C 28 5.94 14.27 -7.54
CA THR C 28 6.66 13.01 -7.42
C THR C 28 8.14 13.24 -7.68
N LEU C 29 8.97 12.68 -6.82
CA LEU C 29 10.42 12.76 -6.97
C LEU C 29 10.85 11.89 -8.16
N THR C 30 10.04 10.86 -8.43
CA THR C 30 10.19 10.02 -9.61
C THR C 30 9.00 9.07 -9.69
N ASP C 31 8.47 8.86 -10.89
CA ASP C 31 7.35 7.95 -11.10
C ASP C 31 7.80 6.78 -11.98
N ASP C 32 8.82 6.07 -11.53
CA ASP C 32 9.46 5.03 -12.33
C ASP C 32 8.70 3.70 -12.25
N TYR C 33 9.14 2.81 -11.38
CA TYR C 33 8.58 1.46 -11.30
C TYR C 33 7.10 1.46 -10.94
N MET C 34 6.24 1.81 -11.92
CA MET C 34 4.80 1.76 -11.71
C MET C 34 4.28 0.36 -11.95
N THR C 35 3.91 -0.31 -10.86
CA THR C 35 3.48 -1.70 -10.92
C THR C 35 1.97 -1.81 -10.82
N TRP C 36 1.42 -2.82 -11.49
CA TRP C 36 -0.02 -3.12 -11.39
C TRP C 36 -0.22 -4.37 -10.55
N VAL C 37 -1.20 -4.32 -9.64
CA VAL C 37 -1.49 -5.41 -8.73
C VAL C 37 -3.00 -5.61 -8.64
N ARG C 38 -3.44 -6.86 -8.65
CA ARG C 38 -4.87 -7.16 -8.51
C ARG C 38 -5.11 -8.06 -7.29
N GLN C 39 -6.38 -8.14 -6.89
CA GLN C 39 -6.75 -8.80 -5.65
C GLN C 39 -8.21 -9.24 -5.66
N PRO C 40 -8.48 -10.50 -6.00
CA PRO C 40 -9.86 -11.00 -5.96
C PRO C 40 -10.43 -10.89 -4.55
N PRO C 41 -11.69 -10.41 -4.41
CA PRO C 41 -12.25 -10.19 -3.07
C PRO C 41 -12.14 -11.41 -2.16
N GLY C 42 -11.52 -11.23 -1.00
CA GLY C 42 -11.35 -12.30 -0.04
C GLY C 42 -10.09 -13.13 -0.30
N LYS C 43 -9.41 -12.84 -1.40
CA LYS C 43 -8.20 -13.56 -1.77
C LYS C 43 -6.96 -12.70 -1.57
N ALA C 44 -5.79 -13.25 -1.90
CA ALA C 44 -4.52 -12.58 -1.69
C ALA C 44 -4.19 -11.63 -2.84
N LEU C 45 -3.08 -10.91 -2.70
CA LEU C 45 -2.62 -9.99 -3.73
C LEU C 45 -1.91 -10.76 -4.85
N GLU C 46 -1.86 -10.14 -6.03
CA GLU C 46 -1.18 -10.73 -7.17
C GLU C 46 -0.50 -9.66 -8.01
N TRP C 47 0.81 -9.82 -8.20
CA TRP C 47 1.60 -8.88 -8.99
C TRP C 47 1.44 -9.17 -10.48
N LEU C 48 1.10 -8.15 -11.25
CA LEU C 48 0.84 -8.30 -12.68
C LEU C 48 2.04 -7.89 -13.53
N GLY C 49 2.68 -6.79 -13.15
CA GLY C 49 3.80 -6.27 -13.91
C GLY C 49 4.17 -4.87 -13.48
N PHE C 50 5.21 -4.31 -14.08
CA PHE C 50 5.53 -2.89 -13.91
C PHE C 50 6.03 -2.30 -15.22
N ILE C 51 6.17 -0.98 -15.24
CA ILE C 51 6.74 -0.29 -16.40
C ILE C 51 7.67 0.84 -15.96
N ARG C 52 8.91 0.78 -16.43
CA ARG C 52 9.88 1.82 -16.13
C ARG C 52 9.44 3.14 -16.73
N ASP C 53 10.13 4.23 -16.37
CA ASP C 53 9.81 5.54 -16.91
C ASP C 53 10.59 5.80 -18.20
N ARG C 54 10.37 6.97 -18.78
CA ARG C 54 11.10 7.39 -19.98
C ARG C 54 12.60 7.32 -19.74
N ALA C 55 13.01 7.59 -18.51
CA ALA C 55 14.42 7.61 -18.14
C ALA C 55 14.98 6.20 -17.90
N ASN C 56 14.37 5.20 -18.54
CA ASN C 56 14.87 3.83 -18.45
C ASN C 56 14.37 2.97 -19.63
N GLY C 57 13.88 3.63 -20.67
CA GLY C 57 13.52 2.95 -21.90
C GLY C 57 12.12 2.36 -21.93
N TYR C 58 11.26 2.81 -21.02
CA TYR C 58 9.86 2.36 -20.97
C TYR C 58 9.72 0.84 -20.93
N THR C 59 10.76 0.14 -20.48
CA THR C 59 10.74 -1.32 -20.46
C THR C 59 9.67 -1.83 -19.50
N THR C 60 9.19 -3.05 -19.75
CA THR C 60 8.13 -3.65 -18.94
C THR C 60 8.49 -5.07 -18.49
N GLU C 61 7.78 -5.53 -17.46
CA GLU C 61 7.92 -6.89 -16.96
C GLU C 61 6.54 -7.42 -16.57
N TYR C 62 6.38 -8.74 -16.63
CA TYR C 62 5.09 -9.37 -16.36
C TYR C 62 5.27 -10.67 -15.58
N SER C 63 4.17 -11.39 -15.42
CA SER C 63 4.18 -12.69 -14.75
C SER C 63 3.70 -13.75 -15.74
N ALA C 64 3.99 -15.02 -15.43
CA ALA C 64 3.62 -16.12 -16.33
C ALA C 64 2.15 -16.49 -16.20
N SER C 65 1.32 -15.52 -15.83
CA SER C 65 -0.12 -15.71 -15.71
C SER C 65 -0.90 -14.67 -16.51
N VAL C 66 -0.19 -13.63 -16.96
CA VAL C 66 -0.83 -12.55 -17.72
C VAL C 66 0.07 -12.00 -18.83
N LYS C 67 1.26 -12.54 -18.99
CA LYS C 67 2.19 -12.06 -20.02
C LYS C 67 1.61 -12.30 -21.41
N GLY C 68 1.62 -11.26 -22.23
CA GLY C 68 1.10 -11.33 -23.58
C GLY C 68 -0.38 -10.95 -23.62
N ARG C 69 -1.12 -11.38 -22.61
CA ARG C 69 -2.55 -11.11 -22.53
C ARG C 69 -2.80 -9.67 -22.05
N PHE C 70 -1.97 -9.22 -21.11
CA PHE C 70 -2.02 -7.86 -20.61
C PHE C 70 -0.86 -7.04 -21.18
N THR C 71 -0.99 -5.72 -21.16
CA THR C 71 0.01 -4.84 -21.74
C THR C 71 0.11 -3.50 -21.00
N ILE C 72 1.06 -3.41 -20.08
CA ILE C 72 1.30 -2.15 -19.37
C ILE C 72 1.97 -1.14 -20.29
N SER C 73 1.52 0.11 -20.22
CA SER C 73 2.06 1.18 -21.04
C SER C 73 1.67 2.53 -20.45
N ARG C 74 2.52 3.54 -20.64
CA ARG C 74 2.24 4.87 -20.11
C ARG C 74 2.17 5.91 -21.21
N ASP C 75 1.30 6.89 -21.01
CA ASP C 75 1.05 7.94 -21.99
C ASP C 75 2.32 8.74 -22.28
N ASN C 76 2.39 9.31 -23.47
CA ASN C 76 3.59 10.01 -23.94
C ASN C 76 3.71 11.43 -23.39
N SER C 77 2.58 12.01 -22.96
CA SER C 77 2.59 13.36 -22.40
C SER C 77 1.32 13.60 -21.60
N GLN C 78 0.98 12.66 -20.73
CA GLN C 78 -0.20 12.77 -19.87
C GLN C 78 0.10 12.31 -18.45
N SER C 79 1.23 11.64 -18.27
CA SER C 79 1.65 11.13 -16.97
C SER C 79 0.61 10.14 -16.41
N ILE C 80 0.21 9.20 -17.24
CA ILE C 80 -0.74 8.15 -16.84
C ILE C 80 -0.24 6.80 -17.34
N VAL C 81 -0.31 5.79 -16.47
CA VAL C 81 0.02 4.43 -16.85
C VAL C 81 -1.26 3.68 -17.18
N TYR C 82 -1.19 2.79 -18.17
CA TYR C 82 -2.35 2.08 -18.67
C TYR C 82 -2.19 0.58 -18.52
N LEU C 83 -3.32 -0.14 -18.62
CA LEU C 83 -3.31 -1.60 -18.61
C LEU C 83 -4.33 -2.14 -19.60
N GLN C 84 -3.86 -2.49 -20.80
CA GLN C 84 -4.72 -3.08 -21.82
C GLN C 84 -4.88 -4.57 -21.56
N MET C 85 -6.09 -4.98 -21.20
CA MET C 85 -6.38 -6.38 -20.91
C MET C 85 -7.21 -7.00 -22.04
N ASN C 86 -6.82 -8.21 -22.44
CA ASN C 86 -7.46 -8.89 -23.56
C ASN C 86 -7.95 -10.29 -23.18
N THR C 87 -9.05 -10.71 -23.81
CA THR C 87 -9.69 -12.00 -23.53
C THR C 87 -9.83 -12.22 -22.02
N LEU C 88 -10.59 -11.34 -21.38
CA LEU C 88 -10.78 -11.40 -19.94
C LEU C 88 -11.59 -12.63 -19.53
N ARG C 89 -11.04 -13.40 -18.59
CA ARG C 89 -11.71 -14.58 -18.06
C ARG C 89 -12.43 -14.23 -16.77
N VAL C 90 -13.27 -15.14 -16.28
CA VAL C 90 -14.04 -14.90 -15.07
C VAL C 90 -13.11 -14.79 -13.86
N GLU C 91 -11.98 -15.49 -13.92
CA GLU C 91 -11.00 -15.46 -12.83
C GLU C 91 -10.29 -14.12 -12.75
N ASP C 92 -10.45 -13.28 -13.77
CA ASP C 92 -9.82 -11.96 -13.79
C ASP C 92 -10.63 -10.93 -13.02
N SER C 93 -11.84 -11.31 -12.60
CA SER C 93 -12.69 -10.42 -11.83
C SER C 93 -12.05 -10.13 -10.47
N ALA C 94 -11.60 -8.89 -10.27
CA ALA C 94 -10.93 -8.51 -9.04
C ALA C 94 -10.68 -7.01 -8.99
N THR C 95 -10.34 -6.52 -7.80
CA THR C 95 -9.91 -5.13 -7.66
C THR C 95 -8.50 -4.98 -8.22
N TYR C 96 -8.28 -3.95 -9.02
CA TYR C 96 -6.97 -3.71 -9.62
C TYR C 96 -6.31 -2.45 -9.04
N TYR C 97 -5.21 -2.66 -8.33
CA TYR C 97 -4.43 -1.57 -7.75
C TYR C 97 -3.25 -1.21 -8.65
N CYS C 98 -2.79 0.03 -8.50
CA CYS C 98 -1.50 0.44 -9.04
C CYS C 98 -0.66 0.99 -7.90
N ALA C 99 0.62 0.63 -7.87
CA ALA C 99 1.47 1.04 -6.75
C ALA C 99 2.94 1.08 -7.17
N ARG C 100 3.66 2.05 -6.61
CA ARG C 100 5.07 2.26 -6.94
C ARG C 100 5.89 2.70 -5.73
N PRO C 101 7.20 2.44 -5.76
CA PRO C 101 8.08 2.81 -4.65
C PRO C 101 8.17 4.33 -4.45
N LYS C 102 8.58 4.75 -3.26
CA LYS C 102 8.62 6.17 -2.90
C LYS C 102 9.51 6.97 -3.85
N GLY C 103 10.79 6.62 -3.88
CA GLY C 103 11.76 7.30 -4.71
C GLY C 103 12.38 6.35 -5.70
N TYR C 104 13.65 6.58 -6.04
CA TYR C 104 14.36 5.68 -6.92
C TYR C 104 14.59 4.37 -6.16
N PHE C 105 15.03 3.34 -6.87
CA PHE C 105 15.38 2.06 -6.24
C PHE C 105 14.16 1.39 -5.62
N PRO C 106 13.60 0.37 -6.30
CA PRO C 106 12.34 -0.25 -5.84
C PRO C 106 12.54 -1.26 -4.70
N TYR C 107 12.56 -0.78 -3.47
CA TYR C 107 12.72 -1.63 -2.29
C TYR C 107 11.38 -2.18 -1.82
N ALA C 108 10.32 -1.40 -2.04
CA ALA C 108 8.98 -1.79 -1.64
C ALA C 108 7.98 -0.78 -2.20
N MET C 109 6.72 -1.19 -2.35
CA MET C 109 5.69 -0.31 -2.84
C MET C 109 5.20 0.62 -1.73
N ASP C 110 5.56 1.90 -1.82
CA ASP C 110 5.18 2.87 -0.80
C ASP C 110 3.79 3.43 -1.08
N TYR C 111 3.55 3.85 -2.31
CA TYR C 111 2.29 4.49 -2.70
C TYR C 111 1.36 3.52 -3.42
N TRP C 112 0.08 3.55 -3.05
CA TRP C 112 -0.96 2.73 -3.67
C TRP C 112 -2.13 3.58 -4.12
N GLY C 113 -2.91 3.07 -5.08
CA GLY C 113 -4.16 3.68 -5.47
C GLY C 113 -5.31 3.07 -4.70
N GLN C 114 -6.48 3.68 -4.75
CA GLN C 114 -7.64 3.16 -4.03
C GLN C 114 -8.12 1.88 -4.68
N GLY C 115 -7.74 1.67 -5.93
CA GLY C 115 -8.12 0.49 -6.68
C GLY C 115 -9.36 0.74 -7.51
N THR C 116 -9.53 -0.08 -8.54
CA THR C 116 -10.73 -0.03 -9.38
C THR C 116 -11.20 -1.46 -9.62
N SER C 117 -12.51 -1.64 -9.67
CA SER C 117 -13.08 -2.99 -9.75
C SER C 117 -13.36 -3.43 -11.17
N VAL C 118 -12.83 -4.61 -11.52
CA VAL C 118 -13.11 -5.27 -12.78
C VAL C 118 -13.95 -6.51 -12.52
N ILE C 119 -15.06 -6.66 -13.25
CA ILE C 119 -15.95 -7.79 -13.09
C ILE C 119 -16.22 -8.45 -14.44
N VAL C 120 -15.72 -9.68 -14.59
CA VAL C 120 -15.86 -10.42 -15.84
C VAL C 120 -16.94 -11.49 -15.72
N SER C 121 -18.12 -11.18 -16.25
CA SER C 121 -19.22 -12.14 -16.31
C SER C 121 -20.23 -11.69 -17.35
N SER C 122 -21.00 -12.64 -17.87
CA SER C 122 -22.04 -12.32 -18.83
C SER C 122 -23.11 -11.46 -18.15
N ALA C 123 -24.16 -12.09 -17.64
CA ALA C 123 -25.14 -11.41 -16.78
C ALA C 123 -25.87 -10.25 -17.45
N LYS C 124 -26.81 -9.67 -16.71
CA LYS C 124 -27.56 -8.49 -17.13
C LYS C 124 -27.95 -7.67 -15.91
N THR C 125 -28.27 -6.40 -16.11
CA THR C 125 -28.78 -5.57 -15.03
C THR C 125 -30.16 -6.05 -14.62
N THR C 126 -30.32 -6.43 -13.35
CA THR C 126 -31.57 -6.97 -12.84
C THR C 126 -31.91 -6.35 -11.48
N ALA C 127 -33.17 -5.93 -11.34
CA ALA C 127 -33.64 -5.36 -10.08
C ALA C 127 -34.12 -6.47 -9.14
N PRO C 128 -33.62 -6.50 -7.89
CA PRO C 128 -34.01 -7.58 -6.97
C PRO C 128 -35.48 -7.54 -6.57
N SER C 129 -35.97 -8.67 -6.07
CA SER C 129 -37.31 -8.75 -5.51
C SER C 129 -37.22 -8.77 -3.99
N VAL C 130 -37.65 -7.68 -3.35
CA VAL C 130 -37.54 -7.55 -1.90
C VAL C 130 -38.58 -8.43 -1.20
N TYR C 131 -38.13 -9.12 -0.16
CA TYR C 131 -38.99 -10.01 0.62
C TYR C 131 -38.82 -9.76 2.12
N PRO C 132 -39.92 -9.73 2.87
CA PRO C 132 -39.81 -9.62 4.33
C PRO C 132 -39.57 -10.98 5.00
N LEU C 133 -39.27 -10.98 6.29
CA LEU C 133 -39.00 -12.22 7.03
C LEU C 133 -39.44 -12.12 8.48
N ALA C 134 -40.74 -12.30 8.73
CA ALA C 134 -41.25 -12.29 10.08
C ALA C 134 -41.04 -13.66 10.74
N PRO C 135 -40.88 -13.70 12.07
CA PRO C 135 -40.68 -14.97 12.76
C PRO C 135 -41.81 -15.97 12.53
N VAL C 136 -41.58 -17.23 12.89
CA VAL C 136 -42.58 -18.27 12.74
C VAL C 136 -43.78 -17.95 13.62
N CYS C 137 -44.97 -18.36 13.17
CA CYS C 137 -46.20 -18.09 13.90
C CYS C 137 -46.17 -18.67 15.31
N GLY C 138 -45.30 -19.65 15.54
CA GLY C 138 -45.12 -20.23 16.85
C GLY C 138 -44.63 -19.19 17.84
N ASP C 139 -44.96 -19.38 19.11
CA ASP C 139 -44.59 -18.45 20.17
C ASP C 139 -43.07 -18.40 20.34
N THR C 140 -42.45 -17.37 19.77
CA THR C 140 -41.00 -17.20 19.85
C THR C 140 -40.55 -17.03 21.31
N THR C 141 -39.50 -17.73 21.68
CA THR C 141 -39.00 -17.72 23.05
C THR C 141 -38.17 -16.48 23.34
N GLY C 142 -38.20 -16.03 24.60
CA GLY C 142 -37.42 -14.89 25.04
C GLY C 142 -38.14 -13.58 24.82
N SER C 143 -37.58 -12.51 25.37
CA SER C 143 -38.14 -11.17 25.23
C SER C 143 -37.41 -10.39 24.14
N SER C 144 -36.64 -11.10 23.32
CA SER C 144 -35.91 -10.49 22.21
C SER C 144 -36.29 -11.14 20.89
N VAL C 145 -36.65 -10.33 19.91
CA VAL C 145 -37.08 -10.80 18.60
C VAL C 145 -36.01 -10.53 17.55
N THR C 146 -35.93 -11.41 16.55
CA THR C 146 -35.02 -11.25 15.43
C THR C 146 -35.81 -11.21 14.12
N LEU C 147 -35.54 -10.20 13.29
CA LEU C 147 -36.22 -10.03 12.02
C LEU C 147 -35.25 -10.19 10.85
N GLY C 148 -35.73 -9.99 9.63
CA GLY C 148 -34.89 -10.15 8.45
C GLY C 148 -35.43 -9.50 7.19
N CYS C 149 -34.65 -9.60 6.11
CA CYS C 149 -35.03 -9.04 4.82
C CYS C 149 -34.14 -9.63 3.72
N LEU C 150 -34.75 -10.37 2.80
CA LEU C 150 -34.02 -11.05 1.74
C LEU C 150 -34.06 -10.26 0.43
N VAL C 151 -32.89 -10.11 -0.19
CA VAL C 151 -32.74 -9.43 -1.47
C VAL C 151 -32.11 -10.37 -2.48
N LYS C 152 -32.96 -11.08 -3.23
CA LYS C 152 -32.49 -12.16 -4.10
C LYS C 152 -32.58 -11.79 -5.58
N GLY C 153 -31.74 -12.43 -6.38
CA GLY C 153 -31.80 -12.31 -7.82
C GLY C 153 -31.59 -10.92 -8.35
N TYR C 154 -30.35 -10.47 -8.39
CA TYR C 154 -30.02 -9.16 -8.95
C TYR C 154 -28.58 -9.10 -9.43
N PHE C 155 -28.25 -7.99 -10.09
CA PHE C 155 -26.92 -7.79 -10.67
C PHE C 155 -26.83 -6.37 -11.23
N PRO C 156 -25.66 -5.72 -11.11
CA PRO C 156 -24.43 -6.12 -10.44
C PRO C 156 -24.33 -5.59 -9.02
N GLU C 157 -23.16 -5.72 -8.42
CA GLU C 157 -22.88 -5.11 -7.12
C GLU C 157 -22.70 -3.60 -7.29
N PRO C 158 -22.91 -2.83 -6.21
CA PRO C 158 -23.31 -3.23 -4.87
C PRO C 158 -24.80 -2.99 -4.58
N VAL C 159 -25.21 -3.24 -3.33
CA VAL C 159 -26.54 -2.95 -2.86
C VAL C 159 -26.47 -2.51 -1.40
N THR C 160 -27.05 -1.35 -1.09
CA THR C 160 -27.03 -0.82 0.26
C THR C 160 -28.37 -1.02 0.96
N LEU C 161 -28.34 -1.63 2.14
CA LEU C 161 -29.53 -1.85 2.95
C LEU C 161 -29.45 -1.09 4.26
N THR C 162 -30.57 -0.48 4.65
CA THR C 162 -30.66 0.23 5.93
C THR C 162 -32.01 -0.04 6.58
N TRP C 163 -32.03 -0.07 7.91
CA TRP C 163 -33.26 -0.24 8.67
C TRP C 163 -33.77 1.10 9.17
N ASN C 164 -35.03 1.41 8.85
CA ASN C 164 -35.64 2.68 9.23
C ASN C 164 -34.82 3.87 8.75
N SER C 165 -34.22 3.72 7.57
CA SER C 165 -33.42 4.78 6.96
C SER C 165 -32.29 5.24 7.87
N GLY C 166 -31.59 4.28 8.46
CA GLY C 166 -30.44 4.57 9.29
C GLY C 166 -30.76 4.68 10.77
N SER C 167 -32.02 4.92 11.09
CA SER C 167 -32.44 5.09 12.49
C SER C 167 -32.19 3.83 13.31
N LEU C 168 -32.07 2.69 12.64
CA LEU C 168 -31.78 1.42 13.29
C LEU C 168 -30.50 0.84 12.72
N SER C 169 -29.46 0.79 13.54
CA SER C 169 -28.15 0.28 13.12
C SER C 169 -27.58 -0.71 14.13
N SER C 170 -27.91 -0.50 15.40
CA SER C 170 -27.41 -1.35 16.48
C SER C 170 -28.04 -2.73 16.45
N GLY C 171 -27.21 -3.75 16.57
CA GLY C 171 -27.68 -5.12 16.59
C GLY C 171 -28.12 -5.60 15.21
N VAL C 172 -27.57 -4.98 14.17
CA VAL C 172 -27.91 -5.30 12.80
C VAL C 172 -26.78 -6.04 12.10
N HIS C 173 -27.14 -7.00 11.25
CA HIS C 173 -26.18 -7.73 10.44
C HIS C 173 -26.65 -7.81 8.99
N THR C 174 -25.81 -7.35 8.07
CA THR C 174 -26.05 -7.51 6.64
C THR C 174 -24.88 -8.27 6.04
N PHE C 175 -25.18 -9.38 5.37
CA PHE C 175 -24.17 -10.33 4.96
C PHE C 175 -23.64 -10.05 3.55
N PRO C 176 -22.41 -10.51 3.27
CA PRO C 176 -21.84 -10.37 1.92
C PRO C 176 -22.75 -10.95 0.84
N ALA C 177 -22.82 -10.27 -0.31
CA ALA C 177 -23.61 -10.76 -1.42
C ALA C 177 -22.98 -12.03 -1.99
N VAL C 178 -23.74 -13.11 -1.95
CA VAL C 178 -23.30 -14.38 -2.52
C VAL C 178 -23.88 -14.53 -3.92
N LEU C 179 -23.14 -15.19 -4.79
CA LEU C 179 -23.56 -15.34 -6.18
C LEU C 179 -24.47 -16.56 -6.35
N GLN C 180 -25.75 -16.31 -6.57
CA GLN C 180 -26.72 -17.36 -6.87
C GLN C 180 -26.80 -17.55 -8.38
N SER C 181 -26.18 -18.61 -8.87
CA SER C 181 -26.04 -18.84 -10.32
C SER C 181 -25.30 -17.67 -10.97
N ASP C 182 -26.06 -16.73 -11.53
CA ASP C 182 -25.48 -15.53 -12.16
C ASP C 182 -26.10 -14.26 -11.58
N LEU C 183 -26.84 -14.41 -10.49
CA LEU C 183 -27.46 -13.28 -9.79
C LEU C 183 -27.06 -13.27 -8.33
N TYR C 184 -26.67 -12.10 -7.83
CA TYR C 184 -26.24 -11.97 -6.44
C TYR C 184 -27.43 -12.05 -5.49
N THR C 185 -27.16 -12.53 -4.28
CA THR C 185 -28.19 -12.68 -3.25
C THR C 185 -27.58 -12.37 -1.89
N LEU C 186 -28.30 -11.56 -1.10
CA LEU C 186 -27.88 -11.28 0.27
C LEU C 186 -29.09 -11.09 1.17
N SER C 187 -28.86 -11.20 2.48
CA SER C 187 -29.90 -11.00 3.47
C SER C 187 -29.38 -10.08 4.57
N SER C 188 -30.28 -9.62 5.43
CA SER C 188 -29.91 -8.72 6.51
C SER C 188 -30.70 -9.00 7.78
N SER C 189 -29.99 -9.32 8.85
CA SER C 189 -30.60 -9.61 10.15
C SER C 189 -30.63 -8.38 11.04
N VAL C 190 -31.53 -8.41 12.02
CA VAL C 190 -31.63 -7.33 13.02
C VAL C 190 -32.33 -7.87 14.27
N THR C 191 -31.66 -7.75 15.41
CA THR C 191 -32.17 -8.26 16.67
C THR C 191 -32.57 -7.12 17.60
N VAL C 192 -33.85 -7.11 18.00
CA VAL C 192 -34.38 -6.06 18.87
C VAL C 192 -35.15 -6.67 20.04
N THR C 193 -35.75 -5.81 20.85
CA THR C 193 -36.56 -6.24 21.99
C THR C 193 -37.99 -6.54 21.55
N SER C 194 -38.67 -7.39 22.31
CA SER C 194 -40.05 -7.75 22.00
C SER C 194 -41.04 -6.61 22.29
N SER C 195 -40.52 -5.52 22.86
CA SER C 195 -41.36 -4.38 23.22
C SER C 195 -41.54 -3.42 22.05
N THR C 196 -40.47 -3.21 21.28
CA THR C 196 -40.48 -2.24 20.19
C THR C 196 -41.04 -2.82 18.89
N TRP C 197 -41.67 -3.98 18.97
CA TRP C 197 -42.17 -4.66 17.79
C TRP C 197 -43.15 -5.77 18.18
N PRO C 198 -44.25 -5.93 17.43
CA PRO C 198 -44.66 -5.21 16.21
C PRO C 198 -45.46 -3.94 16.48
N SER C 199 -45.40 -3.45 17.72
CA SER C 199 -46.09 -2.22 18.09
C SER C 199 -45.65 -1.06 17.19
N GLN C 200 -44.35 -0.94 17.01
CA GLN C 200 -43.78 0.08 16.13
C GLN C 200 -43.31 -0.57 14.83
N SER C 201 -43.66 0.06 13.71
CA SER C 201 -43.37 -0.50 12.39
C SER C 201 -41.88 -0.41 12.04
N ILE C 202 -41.34 -1.51 11.53
CA ILE C 202 -39.98 -1.56 11.03
C ILE C 202 -40.02 -1.77 9.52
N THR C 203 -39.11 -1.10 8.80
CA THR C 203 -39.09 -1.13 7.34
C THR C 203 -37.69 -1.44 6.80
N CYS C 204 -37.66 -2.20 5.70
CA CYS C 204 -36.41 -2.62 5.08
C CYS C 204 -36.11 -1.78 3.83
N ASN C 205 -35.19 -0.84 3.98
CA ASN C 205 -34.81 0.04 2.86
C ASN C 205 -33.83 -0.65 1.91
N VAL C 206 -34.28 -0.92 0.69
CA VAL C 206 -33.44 -1.52 -0.32
C VAL C 206 -33.08 -0.49 -1.39
N ALA C 207 -31.86 -0.60 -1.90
CA ALA C 207 -31.36 0.35 -2.91
C ALA C 207 -30.39 -0.32 -3.87
N HIS C 208 -30.71 -0.27 -5.16
CA HIS C 208 -29.87 -0.83 -6.21
C HIS C 208 -29.75 0.18 -7.34
N PRO C 209 -28.81 1.14 -7.23
CA PRO C 209 -28.66 2.25 -8.18
C PRO C 209 -28.59 1.83 -9.64
N ALA C 210 -28.06 0.64 -9.91
CA ALA C 210 -27.89 0.16 -11.28
C ALA C 210 -29.24 0.10 -12.01
N SER C 211 -30.20 -0.58 -11.42
CA SER C 211 -31.53 -0.69 -12.00
C SER C 211 -32.37 0.55 -11.70
N SER C 212 -31.80 1.47 -10.93
CA SER C 212 -32.49 2.70 -10.54
C SER C 212 -33.81 2.38 -9.85
N THR C 213 -33.79 1.37 -9.00
CA THR C 213 -34.99 0.91 -8.30
C THR C 213 -34.76 0.85 -6.79
N LYS C 214 -35.54 1.64 -6.05
CA LYS C 214 -35.55 1.58 -4.59
C LYS C 214 -36.90 1.03 -4.12
N VAL C 215 -36.85 0.12 -3.16
CA VAL C 215 -38.04 -0.53 -2.65
C VAL C 215 -37.99 -0.69 -1.13
N ASP C 216 -38.91 -0.04 -0.44
CA ASP C 216 -39.09 -0.23 1.00
C ASP C 216 -40.16 -1.29 1.22
N LYS C 217 -39.98 -2.11 2.24
CA LYS C 217 -40.90 -3.21 2.51
C LYS C 217 -41.08 -3.43 4.01
N LYS C 218 -42.16 -2.90 4.56
CA LYS C 218 -42.45 -3.02 5.98
C LYS C 218 -42.67 -4.47 6.38
N ILE C 219 -42.12 -4.84 7.53
CA ILE C 219 -42.33 -6.16 8.10
C ILE C 219 -43.66 -6.18 8.85
N GLU C 220 -44.52 -7.13 8.49
CA GLU C 220 -45.83 -7.28 9.12
C GLU C 220 -45.92 -8.59 9.90
N PRO C 221 -46.68 -8.60 11.01
CA PRO C 221 -46.78 -9.81 11.84
C PRO C 221 -47.65 -10.88 11.21
N ARG C 222 -47.74 -12.04 11.86
CA ARG C 222 -48.55 -13.16 11.39
C ARG C 222 -48.12 -13.61 10.00
C1 NAG D . 23.08 -10.95 10.05
C2 NAG D . 21.83 -11.66 10.57
C3 NAG D . 22.20 -13.02 11.15
C4 NAG D . 23.05 -13.83 10.17
C5 NAG D . 24.22 -12.99 9.64
C6 NAG D . 24.98 -13.68 8.53
C7 NAG D . 20.39 -9.80 11.26
C8 NAG D . 19.76 -9.08 12.43
N2 NAG D . 21.16 -10.85 11.57
O3 NAG D . 21.01 -13.73 11.45
O4 NAG D . 23.58 -14.96 10.86
O5 NAG D . 23.72 -11.76 9.09
O6 NAG D . 24.41 -13.39 7.26
O7 NAG D . 20.20 -9.43 10.11
H1 NAG D . 23.69 -10.78 10.80
H2 NAG D . 21.23 -11.80 9.82
H3 NAG D . 22.71 -12.89 11.97
H4 NAG D . 22.49 -14.13 9.43
H5 NAG D . 24.83 -12.79 10.37
H61 NAG D . 25.90 -13.36 8.55
H62 NAG D . 24.96 -14.64 8.68
H81 NAG D . 20.46 -8.78 13.03
H82 NAG D . 19.16 -9.69 12.89
H83 NAG D . 19.26 -8.32 12.10
HN2 NAG D . 21.25 -11.08 12.44
HO3 NAG D . 21.17 -14.31 12.12
HO6 NAG D . 24.23 -14.15 6.84
C1 NAG D . 23.29 -16.23 10.26
C2 NAG D . 23.95 -17.29 11.12
C3 NAG D . 23.28 -18.65 10.90
C4 NAG D . 22.68 -18.73 9.50
C5 NAG D . 21.61 -17.64 9.31
C6 NAG D . 20.22 -18.11 9.68
C7 NAG D . 26.23 -17.97 11.72
C8 NAG D . 27.68 -17.95 11.31
N2 NAG D . 25.37 -17.37 10.88
O3 NAG D . 22.27 -18.86 11.88
O4 NAG D . 23.69 -18.59 8.52
O5 NAG D . 21.90 -16.50 10.13
O6 NAG D . 20.24 -19.03 10.76
O7 NAG D . 25.86 -18.50 12.75
H1 NAG D . 23.69 -16.25 9.37
H2 NAG D . 23.81 -17.05 12.06
H3 NAG D . 23.95 -19.35 10.99
H4 NAG D . 22.25 -19.60 9.39
H5 NAG D . 21.61 -17.37 8.37
H61 NAG D . 19.68 -17.33 9.92
H62 NAG D . 19.82 -18.54 8.90
H81 NAG D . 28.21 -18.37 12.01
H82 NAG D . 27.97 -17.03 11.18
H83 NAG D . 27.78 -18.45 10.47
HN2 NAG D . 25.71 -16.99 10.11
HO3 NAG D . 22.65 -19.08 12.65
HO4 NAG D . 24.16 -19.33 8.46
HO6 NAG D . 19.45 -19.41 10.84
C1 NAG E . -10.01 37.59 -7.22
C2 NAG E . -10.39 36.11 -7.30
C3 NAG E . -11.89 35.94 -7.04
C4 NAG E . -12.29 36.60 -5.73
C5 NAG E . -11.84 38.06 -5.74
C6 NAG E . -12.12 38.77 -4.44
C7 NAG E . -9.42 34.37 -8.74
C8 NAG E . -9.12 33.95 -10.14
N2 NAG E . -10.04 35.55 -8.60
O3 NAG E . -12.19 34.55 -6.99
O4 NAG E . -13.70 36.53 -5.56
O5 NAG E . -10.43 38.13 -5.96
O6 NAG E . -10.99 38.73 -3.57
O7 NAG E . -9.12 33.68 -7.78
H1 NAG E . -10.47 38.08 -7.94
H2 NAG E . -9.91 35.63 -6.60
H3 NAG E . -12.39 36.34 -7.78
H4 NAG E . -11.85 36.14 -4.99
H5 NAG E . -12.30 38.54 -6.47
H61 NAG E . -12.88 38.35 -4.00
H62 NAG E . -12.33 39.71 -4.62
H81 NAG E . -8.57 34.63 -10.57
H82 NAG E . -9.96 33.85 -10.63
H83 NAG E . -8.64 33.11 -10.13
HN2 NAG E . -10.23 36.03 -9.34
HO3 NAG E . -12.70 34.32 -7.68
HO6 NAG E . -11.17 38.20 -2.88
#